data_1JO4
# 
_entry.id   1JO4 
# 
_audit_conform.dict_name       mmcif_pdbx.dic 
_audit_conform.dict_version    5.398 
_audit_conform.dict_location   http://mmcif.pdb.org/dictionaries/ascii/mmcif_pdbx.dic 
# 
loop_
_database_2.database_id 
_database_2.database_code 
_database_2.pdbx_database_accession 
_database_2.pdbx_DOI 
PDB   1JO4         pdb_00001jo4 10.2210/pdb1jo4/pdb 
RCSB  RCSB013994   ?            ?                   
WWPDB D_1000013994 ?            ?                   
# 
loop_
_pdbx_audit_revision_history.ordinal 
_pdbx_audit_revision_history.data_content_type 
_pdbx_audit_revision_history.major_revision 
_pdbx_audit_revision_history.minor_revision 
_pdbx_audit_revision_history.revision_date 
1 'Structure model' 1 0 2001-08-08 
2 'Structure model' 1 1 2011-06-14 
3 'Structure model' 1 2 2011-07-13 
4 'Structure model' 1 3 2011-07-27 
5 'Structure model' 1 4 2012-12-12 
6 'Structure model' 2 0 2023-11-15 
7 'Structure model' 2 1 2024-11-13 
# 
_pdbx_audit_revision_details.ordinal             1 
_pdbx_audit_revision_details.revision_ordinal    1 
_pdbx_audit_revision_details.data_content_type   'Structure model' 
_pdbx_audit_revision_details.provider            repository 
_pdbx_audit_revision_details.type                'Initial release' 
_pdbx_audit_revision_details.description         ? 
_pdbx_audit_revision_details.details             ? 
# 
loop_
_pdbx_audit_revision_group.ordinal 
_pdbx_audit_revision_group.revision_ordinal 
_pdbx_audit_revision_group.data_content_type 
_pdbx_audit_revision_group.group 
1  2 'Structure model' 'Version format compliance' 
2  3 'Structure model' 'Version format compliance' 
3  4 'Structure model' 'Atomic model'              
4  4 'Structure model' 'Database references'       
5  4 'Structure model' 'Derived calculations'      
6  4 'Structure model' 'Non-polymer description'   
7  4 'Structure model' 'Structure summary'         
8  5 'Structure model' Other                       
9  6 'Structure model' 'Atomic model'              
10 6 'Structure model' 'Data collection'           
11 6 'Structure model' 'Database references'       
12 6 'Structure model' 'Derived calculations'      
13 7 'Structure model' 'Structure summary'         
# 
loop_
_pdbx_audit_revision_category.ordinal 
_pdbx_audit_revision_category.revision_ordinal 
_pdbx_audit_revision_category.data_content_type 
_pdbx_audit_revision_category.category 
1 6 'Structure model' atom_site                 
2 6 'Structure model' chem_comp_atom            
3 6 'Structure model' chem_comp_bond            
4 6 'Structure model' database_2                
5 6 'Structure model' struct_conn               
6 7 'Structure model' pdbx_entry_details        
7 7 'Structure model' pdbx_modification_feature 
# 
loop_
_pdbx_audit_revision_item.ordinal 
_pdbx_audit_revision_item.revision_ordinal 
_pdbx_audit_revision_item.data_content_type 
_pdbx_audit_revision_item.item 
1 6 'Structure model' '_atom_site.auth_atom_id'                      
2 6 'Structure model' '_atom_site.label_atom_id'                     
3 6 'Structure model' '_database_2.pdbx_DOI'                         
4 6 'Structure model' '_database_2.pdbx_database_accession'          
5 6 'Structure model' '_struct_conn.pdbx_leaving_atom_flag'          
6 7 'Structure model' '_pdbx_entry_details.has_protein_modification' 
# 
_pdbx_database_status.status_code                     REL 
_pdbx_database_status.entry_id                        1JO4 
_pdbx_database_status.recvd_initial_deposition_date   2001-07-26 
_pdbx_database_status.deposit_site                    RCSB 
_pdbx_database_status.process_site                    RCSB 
_pdbx_database_status.SG_entry                        . 
_pdbx_database_status.pdb_format_compatible           Y 
_pdbx_database_status.status_code_mr                  ? 
_pdbx_database_status.status_code_sf                  ? 
_pdbx_database_status.status_code_cs                  ? 
_pdbx_database_status.status_code_nmr_data            ? 
_pdbx_database_status.methods_development_category    ? 
# 
loop_
_pdbx_database_related.db_name 
_pdbx_database_related.db_id 
_pdbx_database_related.content_type 
_pdbx_database_related.details 
PDB 1TK2 unspecified 'CRYSTAL STRUCTURE OF GRAMICIDIN S COMPLEXED WITH ALKALINE PROTEINASE SAVINASE' 
PDB 2XDC unspecified 'CRYSTAL STRUCTURE OF GRAMICIDIN A FROM CRYSTALS GROWN IN A LIPID CUBIC PHASE.' 
PDB 1AV2 unspecified 'CRYSTAL STRUCTURE OF GRAMICIDIN A COMPLEXED WITH CESIUM CHLORIDE' 
PDB 1BDW unspecified 'CRYSTAL STRUCTURE OF GRAMICIDIN A FROM BACILLUS BREVIS' 
PDB 1C4D unspecified 'CRYSTAL STRUCTURE OF GRAMICIDIN A COMPLEXED WITH CESIUM CHLORIDE' 
PDB 1GMK unspecified 'CRYSTAL STRUCTURE OF GRAMICIDIN A COMPLRXED WITH POTASSIUM THIOCYANATE' 
PDB 1GRM unspecified 'SOLUTION STRUCTURE OF THE GRAMICIDIN A' 
PDB 1JNO unspecified 'SOLUTION STRUCTURE OF GRAMICIDIN A IN SODIUM DODECYL SULFATE MICELLES' 
PDB 1KQE unspecified 'SOLUTION STRUCTURE OF A LINKED SHORTENED GRAMICIDIN A IN BENZENE/ACETONE 10:1' 
PDB 1MAG unspecified 'SOLID STATE NMR STRUCTURE OF GRAMICIDIN A IN HYDRATED DMPC BILAYERS,' 
PDB 1MIC unspecified 'SOLUTION STRUCTURE OF GRAMICIDIN A IN METHANOL IN THE PRESENCE OF CACL' 
PDB 1NG8 unspecified 'SOLUTION STRUCTURE OF GRAMICIDIN A (W15G) IN SODIUM DODECYL SULFATE MICELLES' 
PDB 1NRM unspecified 'SOLUTION STRUCTURE OF GRAMICIDIN A IN DODECYL PHOSPHOCHOLINE MICELLES' 
PDB 1NRU unspecified 'SOLUTION STRUCTURE OF GRAMICIDIN A IN DODECYL PHOSPHOCHOLINE MICELLES IN THE PRESENCE OF EXCESS NA+' 
PDB 1NT5 unspecified 'SOLUTION STRUCTURE OF GRAMICIDIN A (V1F) IN SODIUM DODECYL SULFATE MICELLES' 
PDB 1JO3 unspecified 'SOLUTION STRUCTURE OF GRAMICIDIN B IN SODIUM DODECYL SULFATE MICELLES' 
PDB 1NT6 unspecified 'SOLUTION STRUCTURE OF F1-GRAMICIDIN C IN SODIUM DODECYL SULFATE MICELLES' 
PDB 1TKQ unspecified 
'SOLUTION STRUCTURE OF A LINKED UNSYMMETRIC GRAMICIDIN A IN A MEMBRANE-ISOELECTRICAL SOLVENTS MIXTURE, IN THE PRESENCE OF CSCL' 
PDB 1W5U unspecified 'CRYSTAL STRUCTURE OF GRAMICIDIN D IN ETHANOL' 
PDB 2IZQ unspecified 'CRYSTAL STRUCTURE OF GRAMICIDIN D COMPLEX WITH KI IN METHANOL' 
PDB 3L8L unspecified 'CRYSTAL STRUCTURE OF GRAMICIDIN D COMPLEX WITH NAI' 
PDB 1AL4 unspecified 'CRYSTAL STRUCTURE OF GRAMICIDIN D IN N-PROPANOL' 
PDB 1ALX unspecified 'CRYSTAL STRUCTURE OF GRAMICIDIN D IN METHANOL' 
PDB 1ALZ unspecified 'CRYSTAL STRUCTURE OF GRAMICIDIN D IN ETHANOL' 
# 
loop_
_audit_author.name 
_audit_author.pdbx_ordinal 
'Townsley, L.E.' 1 
'Tucker, W.A.'   2 
'Hinton, J.F.'   3 
# 
_citation.id                        primary 
_citation.title                     'Structures of Gramicidins A, B, and C Incorporated Into Sodium Dodecyl Sulfate Micelles.' 
_citation.journal_abbrev            Biochemistry 
_citation.journal_volume            40 
_citation.page_first                11676 
_citation.page_last                 ? 
_citation.year                      2001 
_citation.journal_id_ASTM           BICHAW 
_citation.country                   US 
_citation.journal_id_ISSN           0006-2960 
_citation.journal_id_CSD            0033 
_citation.book_publisher            ? 
_citation.pdbx_database_id_PubMed   11570868 
_citation.pdbx_database_id_DOI      10.1021/BI010942W 
# 
loop_
_citation_author.citation_id 
_citation_author.name 
_citation_author.ordinal 
_citation_author.identifier_ORCID 
primary 'Townsley, L.E.' 1 ? 
primary 'Tucker, W.A.'   2 ? 
primary 'Sham, S.'       3 ? 
primary 'Hinton, J.F.'   4 ? 
# 
_entity.id                         1 
_entity.type                       polymer 
_entity.src_method                 nat 
_entity.pdbx_description           'GRAMICIDIN C' 
_entity.formula_weight             1859.258 
_entity.pdbx_number_of_molecules   2 
_entity.pdbx_ec                    ? 
_entity.pdbx_mutation              ? 
_entity.pdbx_fragment              ? 
_entity.details                    ? 
# 
_entity_name_com.entity_id   1 
_entity_name_com.name        'GRAMICIDIN D' 
# 
_entity_poly.entity_id                      1 
_entity_poly.type                           'polypeptide(L)' 
_entity_poly.nstd_linkage                   no 
_entity_poly.nstd_monomer                   yes 
_entity_poly.pdbx_seq_one_letter_code       '(FVA)GA(DLE)A(DVA)V(DVA)W(DLE)Y(DLE)W(DLE)W(ETA)' 
_entity_poly.pdbx_seq_one_letter_code_can   VGALAVVVWLYLWLWX 
_entity_poly.pdbx_strand_id                 A,B 
_entity_poly.pdbx_target_identifier         ? 
# 
loop_
_entity_poly_seq.entity_id 
_entity_poly_seq.num 
_entity_poly_seq.mon_id 
_entity_poly_seq.hetero 
1 1  FVA n 
1 2  GLY n 
1 3  ALA n 
1 4  DLE n 
1 5  ALA n 
1 6  DVA n 
1 7  VAL n 
1 8  DVA n 
1 9  TRP n 
1 10 DLE n 
1 11 TYR n 
1 12 DLE n 
1 13 TRP n 
1 14 DLE n 
1 15 TRP n 
1 16 ETA n 
# 
_entity_src_nat.entity_id                  1 
_entity_src_nat.pdbx_src_id                1 
_entity_src_nat.pdbx_alt_source_flag       sample 
_entity_src_nat.pdbx_beg_seq_num           ? 
_entity_src_nat.pdbx_end_seq_num           ? 
_entity_src_nat.common_name                ? 
_entity_src_nat.pdbx_organism_scientific   'BREVIBACILLUS BREVIS' 
_entity_src_nat.pdbx_ncbi_taxonomy_id      1393 
_entity_src_nat.genus                      ? 
_entity_src_nat.species                    ? 
_entity_src_nat.strain                     ? 
_entity_src_nat.tissue                     ? 
_entity_src_nat.tissue_fraction            ? 
_entity_src_nat.pdbx_secretion             ? 
_entity_src_nat.pdbx_fragment              ? 
_entity_src_nat.pdbx_variant               ? 
_entity_src_nat.pdbx_cell_line             ? 
_entity_src_nat.pdbx_atcc                  ? 
_entity_src_nat.pdbx_cellular_location     ? 
_entity_src_nat.pdbx_organ                 ? 
_entity_src_nat.pdbx_organelle             ? 
_entity_src_nat.pdbx_cell                  ? 
_entity_src_nat.pdbx_plasmid_name          ? 
_entity_src_nat.pdbx_plasmid_details       ? 
_entity_src_nat.details                    ? 
# 
loop_
_chem_comp.id 
_chem_comp.type 
_chem_comp.mon_nstd_flag 
_chem_comp.name 
_chem_comp.pdbx_synonyms 
_chem_comp.formula 
_chem_comp.formula_weight 
ALA 'L-peptide linking'               y ALANINE           ? 'C3 H7 N O2'    89.093  
DLE 'D-peptide linking'               . D-LEUCINE         ? 'C6 H13 N O2'   131.173 
DVA 'D-peptide linking'               . D-VALINE          ? 'C5 H11 N O2'   117.146 
ETA 'L-peptide COOH carboxy terminus' . ETHANOLAMINE      ? 'C2 H7 N O'     61.083  
FVA 'L-peptide linking'               n N-formyl-L-valine ? 'C6 H11 N O3'   145.156 
GLY 'peptide linking'                 y GLYCINE           ? 'C2 H5 N O2'    75.067  
TRP 'L-peptide linking'               y TRYPTOPHAN        ? 'C11 H12 N2 O2' 204.225 
TYR 'L-peptide linking'               y TYROSINE          ? 'C9 H11 N O3'   181.189 
VAL 'L-peptide linking'               y VALINE            ? 'C5 H11 N O2'   117.146 
# 
loop_
_pdbx_poly_seq_scheme.asym_id 
_pdbx_poly_seq_scheme.entity_id 
_pdbx_poly_seq_scheme.seq_id 
_pdbx_poly_seq_scheme.mon_id 
_pdbx_poly_seq_scheme.ndb_seq_num 
_pdbx_poly_seq_scheme.pdb_seq_num 
_pdbx_poly_seq_scheme.auth_seq_num 
_pdbx_poly_seq_scheme.pdb_mon_id 
_pdbx_poly_seq_scheme.auth_mon_id 
_pdbx_poly_seq_scheme.pdb_strand_id 
_pdbx_poly_seq_scheme.pdb_ins_code 
_pdbx_poly_seq_scheme.hetero 
A 1 1  FVA 1  1  1  FVA FVA A . n 
A 1 2  GLY 2  2  2  GLY GLY A . n 
A 1 3  ALA 3  3  3  ALA ALA A . n 
A 1 4  DLE 4  4  4  DLE DLE A . n 
A 1 5  ALA 5  5  5  ALA ALA A . n 
A 1 6  DVA 6  6  6  DVA DVA A . n 
A 1 7  VAL 7  7  7  VAL VAL A . n 
A 1 8  DVA 8  8  8  DVA DVA A . n 
A 1 9  TRP 9  9  9  TRP TRP A . n 
A 1 10 DLE 10 10 10 DLE DLE A . n 
A 1 11 TYR 11 11 11 TYR TYR A . n 
A 1 12 DLE 12 12 12 DLE DLE A . n 
A 1 13 TRP 13 13 13 TRP TRP A . n 
A 1 14 DLE 14 14 14 DLE DLE A . n 
A 1 15 TRP 15 15 15 TRP TRP A . n 
A 1 16 ETA 16 16 16 ETA ETA A . n 
B 1 1  FVA 1  1  1  FVA FVA B . n 
B 1 2  GLY 2  2  2  GLY GLY B . n 
B 1 3  ALA 3  3  3  ALA ALA B . n 
B 1 4  DLE 4  4  4  DLE DLE B . n 
B 1 5  ALA 5  5  5  ALA ALA B . n 
B 1 6  DVA 6  6  6  DVA DVA B . n 
B 1 7  VAL 7  7  7  VAL VAL B . n 
B 1 8  DVA 8  8  8  DVA DVA B . n 
B 1 9  TRP 9  9  9  TRP TRP B . n 
B 1 10 DLE 10 10 10 DLE DLE B . n 
B 1 11 TYR 11 11 11 TYR TYR B . n 
B 1 12 DLE 12 12 12 DLE DLE B . n 
B 1 13 TRP 13 13 13 TRP TRP B . n 
B 1 14 DLE 14 14 14 DLE DLE B . n 
B 1 15 TRP 15 15 15 TRP TRP B . n 
B 1 16 ETA 16 16 16 ETA ETA B . n 
# 
_cell.entry_id           1JO4 
_cell.length_a           1.000 
_cell.length_b           1.000 
_cell.length_c           1.000 
_cell.angle_alpha        90.00 
_cell.angle_beta         90.00 
_cell.angle_gamma        90.00 
_cell.Z_PDB              1 
_cell.pdbx_unique_axis   ? 
# 
_symmetry.entry_id                         1JO4 
_symmetry.space_group_name_H-M             'P 1' 
_symmetry.pdbx_full_space_group_name_H-M   ? 
_symmetry.cell_setting                     ? 
_symmetry.Int_Tables_number                1 
# 
_exptl.entry_id          1JO4 
_exptl.method            'SOLUTION NMR' 
_exptl.crystals_number   ? 
# 
_struct.entry_id                  1JO4 
_struct.title                     'Gramicidin C in Sodium Dodecyl Sulfate Micelles (NMR)' 
_struct.pdbx_model_details        ? 
_struct.pdbx_CASP_flag            ? 
_struct.pdbx_model_type_details   'minimized average' 
# 
_struct_keywords.entry_id        1JO4 
_struct_keywords.pdbx_keywords   ANTIBIOTIC 
_struct_keywords.text            
'GRAMICIDIN, ANTIFUNGAL, ANTIBACTERIAL, SDS MICELLES MEMBRANE ION CHANNEL, LINEAR GRAMICIDIN, ANTIBIOTIC' 
# 
loop_
_struct_asym.id 
_struct_asym.pdbx_blank_PDB_chainid_flag 
_struct_asym.pdbx_modified 
_struct_asym.entity_id 
_struct_asym.details 
A N N 1 ? 
B N N 1 ? 
# 
_struct_ref.id                         1 
_struct_ref.db_name                    NOR 
_struct_ref.db_code                    NOR00245 
_struct_ref.entity_id                  1 
_struct_ref.pdbx_seq_one_letter_code   ? 
_struct_ref.pdbx_align_begin           ? 
_struct_ref.pdbx_db_accession          NOR00245 
_struct_ref.pdbx_db_isoform            ? 
# 
loop_
_struct_ref_seq.align_id 
_struct_ref_seq.ref_id 
_struct_ref_seq.pdbx_PDB_id_code 
_struct_ref_seq.pdbx_strand_id 
_struct_ref_seq.seq_align_beg 
_struct_ref_seq.pdbx_seq_align_beg_ins_code 
_struct_ref_seq.seq_align_end 
_struct_ref_seq.pdbx_seq_align_end_ins_code 
_struct_ref_seq.pdbx_db_accession 
_struct_ref_seq.db_align_beg 
_struct_ref_seq.pdbx_db_align_beg_ins_code 
_struct_ref_seq.db_align_end 
_struct_ref_seq.pdbx_db_align_end_ins_code 
_struct_ref_seq.pdbx_auth_seq_align_beg 
_struct_ref_seq.pdbx_auth_seq_align_end 
1 1 1JO4 A 1 ? 16 ? NOR00245 1 ? 16 ? 1 16 
2 1 1JO4 B 1 ? 16 ? NOR00245 1 ? 16 ? 1 16 
# 
_pdbx_struct_assembly.id                   1 
_pdbx_struct_assembly.details              author_and_software_defined_assembly 
_pdbx_struct_assembly.method_details       PISA 
_pdbx_struct_assembly.oligomeric_details   dimeric 
_pdbx_struct_assembly.oligomeric_count     2 
# 
_pdbx_struct_assembly_gen.assembly_id       1 
_pdbx_struct_assembly_gen.oper_expression   1 
_pdbx_struct_assembly_gen.asym_id_list      A,B 
# 
_pdbx_struct_oper_list.id                   1 
_pdbx_struct_oper_list.type                 'identity operation' 
_pdbx_struct_oper_list.name                 1_555 
_pdbx_struct_oper_list.symmetry_operation   x,y,z 
_pdbx_struct_oper_list.matrix[1][1]         1.0000000000 
_pdbx_struct_oper_list.matrix[1][2]         0.0000000000 
_pdbx_struct_oper_list.matrix[1][3]         0.0000000000 
_pdbx_struct_oper_list.vector[1]            0.0000000000 
_pdbx_struct_oper_list.matrix[2][1]         0.0000000000 
_pdbx_struct_oper_list.matrix[2][2]         1.0000000000 
_pdbx_struct_oper_list.matrix[2][3]         0.0000000000 
_pdbx_struct_oper_list.vector[2]            0.0000000000 
_pdbx_struct_oper_list.matrix[3][1]         0.0000000000 
_pdbx_struct_oper_list.matrix[3][2]         0.0000000000 
_pdbx_struct_oper_list.matrix[3][3]         1.0000000000 
_pdbx_struct_oper_list.vector[3]            0.0000000000 
# 
_struct_biol.id   1 
# 
loop_
_struct_conn.id 
_struct_conn.conn_type_id 
_struct_conn.pdbx_leaving_atom_flag 
_struct_conn.pdbx_PDB_id 
_struct_conn.ptnr1_label_asym_id 
_struct_conn.ptnr1_label_comp_id 
_struct_conn.ptnr1_label_seq_id 
_struct_conn.ptnr1_label_atom_id 
_struct_conn.pdbx_ptnr1_label_alt_id 
_struct_conn.pdbx_ptnr1_PDB_ins_code 
_struct_conn.pdbx_ptnr1_standard_comp_id 
_struct_conn.ptnr1_symmetry 
_struct_conn.ptnr2_label_asym_id 
_struct_conn.ptnr2_label_comp_id 
_struct_conn.ptnr2_label_seq_id 
_struct_conn.ptnr2_label_atom_id 
_struct_conn.pdbx_ptnr2_label_alt_id 
_struct_conn.pdbx_ptnr2_PDB_ins_code 
_struct_conn.ptnr1_auth_asym_id 
_struct_conn.ptnr1_auth_comp_id 
_struct_conn.ptnr1_auth_seq_id 
_struct_conn.ptnr2_auth_asym_id 
_struct_conn.ptnr2_auth_comp_id 
_struct_conn.ptnr2_auth_seq_id 
_struct_conn.ptnr2_symmetry 
_struct_conn.pdbx_ptnr3_label_atom_id 
_struct_conn.pdbx_ptnr3_label_seq_id 
_struct_conn.pdbx_ptnr3_label_comp_id 
_struct_conn.pdbx_ptnr3_label_asym_id 
_struct_conn.pdbx_ptnr3_label_alt_id 
_struct_conn.pdbx_ptnr3_PDB_ins_code 
_struct_conn.details 
_struct_conn.pdbx_dist_value 
_struct_conn.pdbx_value_order 
_struct_conn.pdbx_role 
covale1  covale both ? A FVA 1  C ? ? ? 1_555 A GLY 2  N ? ? A FVA 1  A GLY 2  1_555 ? ? ? ? ? ? ? 1.343 ? ? 
covale2  covale both ? A ALA 3  C ? ? ? 1_555 A DLE 4  N ? ? A ALA 3  A DLE 4  1_555 ? ? ? ? ? ? ? 1.339 ? ? 
covale3  covale both ? A DLE 4  C ? ? ? 1_555 A ALA 5  N ? ? A DLE 4  A ALA 5  1_555 ? ? ? ? ? ? ? 1.338 ? ? 
covale4  covale both ? A ALA 5  C ? ? ? 1_555 A DVA 6  N ? ? A ALA 5  A DVA 6  1_555 ? ? ? ? ? ? ? 1.339 ? ? 
covale5  covale both ? A DVA 6  C ? ? ? 1_555 A VAL 7  N ? ? A DVA 6  A VAL 7  1_555 ? ? ? ? ? ? ? 1.340 ? ? 
covale6  covale both ? A VAL 7  C ? ? ? 1_555 A DVA 8  N ? ? A VAL 7  A DVA 8  1_555 ? ? ? ? ? ? ? 1.341 ? ? 
covale7  covale both ? A DVA 8  C ? ? ? 1_555 A TRP 9  N ? ? A DVA 8  A TRP 9  1_555 ? ? ? ? ? ? ? 1.341 ? ? 
covale8  covale both ? A TRP 9  C ? ? ? 1_555 A DLE 10 N ? ? A TRP 9  A DLE 10 1_555 ? ? ? ? ? ? ? 1.342 ? ? 
covale9  covale both ? A DLE 10 C ? ? ? 1_555 A TYR 11 N ? ? A DLE 10 A TYR 11 1_555 ? ? ? ? ? ? ? 1.341 ? ? 
covale10 covale both ? A TYR 11 C ? ? ? 1_555 A DLE 12 N ? ? A TYR 11 A DLE 12 1_555 ? ? ? ? ? ? ? 1.339 ? ? 
covale11 covale both ? A DLE 12 C ? ? ? 1_555 A TRP 13 N ? ? A DLE 12 A TRP 13 1_555 ? ? ? ? ? ? ? 1.340 ? ? 
covale12 covale both ? A TRP 13 C ? ? ? 1_555 A DLE 14 N ? ? A TRP 13 A DLE 14 1_555 ? ? ? ? ? ? ? 1.341 ? ? 
covale13 covale both ? A DLE 14 C ? ? ? 1_555 A TRP 15 N ? ? A DLE 14 A TRP 15 1_555 ? ? ? ? ? ? ? 1.338 ? ? 
covale14 covale both ? A TRP 15 C ? ? ? 1_555 A ETA 16 N ? ? A TRP 15 A ETA 16 1_555 ? ? ? ? ? ? ? 1.339 ? ? 
covale15 covale both ? B FVA 1  C ? ? ? 1_555 B GLY 2  N ? ? B FVA 1  B GLY 2  1_555 ? ? ? ? ? ? ? 1.343 ? ? 
covale16 covale both ? B ALA 3  C ? ? ? 1_555 B DLE 4  N ? ? B ALA 3  B DLE 4  1_555 ? ? ? ? ? ? ? 1.339 ? ? 
covale17 covale both ? B DLE 4  C ? ? ? 1_555 B ALA 5  N ? ? B DLE 4  B ALA 5  1_555 ? ? ? ? ? ? ? 1.338 ? ? 
covale18 covale both ? B ALA 5  C ? ? ? 1_555 B DVA 6  N ? ? B ALA 5  B DVA 6  1_555 ? ? ? ? ? ? ? 1.340 ? ? 
covale19 covale both ? B DVA 6  C ? ? ? 1_555 B VAL 7  N ? ? B DVA 6  B VAL 7  1_555 ? ? ? ? ? ? ? 1.340 ? ? 
covale20 covale both ? B VAL 7  C ? ? ? 1_555 B DVA 8  N ? ? B VAL 7  B DVA 8  1_555 ? ? ? ? ? ? ? 1.340 ? ? 
covale21 covale both ? B DVA 8  C ? ? ? 1_555 B TRP 9  N ? ? B DVA 8  B TRP 9  1_555 ? ? ? ? ? ? ? 1.340 ? ? 
covale22 covale both ? B TRP 9  C ? ? ? 1_555 B DLE 10 N ? ? B TRP 9  B DLE 10 1_555 ? ? ? ? ? ? ? 1.342 ? ? 
covale23 covale both ? B DLE 10 C ? ? ? 1_555 B TYR 11 N ? ? B DLE 10 B TYR 11 1_555 ? ? ? ? ? ? ? 1.341 ? ? 
covale24 covale both ? B TYR 11 C ? ? ? 1_555 B DLE 12 N ? ? B TYR 11 B DLE 12 1_555 ? ? ? ? ? ? ? 1.339 ? ? 
covale25 covale both ? B DLE 12 C ? ? ? 1_555 B TRP 13 N ? ? B DLE 12 B TRP 13 1_555 ? ? ? ? ? ? ? 1.340 ? ? 
covale26 covale both ? B TRP 13 C ? ? ? 1_555 B DLE 14 N ? ? B TRP 13 B DLE 14 1_555 ? ? ? ? ? ? ? 1.341 ? ? 
covale27 covale both ? B DLE 14 C ? ? ? 1_555 B TRP 15 N ? ? B DLE 14 B TRP 15 1_555 ? ? ? ? ? ? ? 1.338 ? ? 
covale28 covale both ? B TRP 15 C ? ? ? 1_555 B ETA 16 N ? ? B TRP 15 B ETA 16 1_555 ? ? ? ? ? ? ? 1.338 ? ? 
# 
_struct_conn_type.id          covale 
_struct_conn_type.criteria    ? 
_struct_conn_type.reference   ? 
# 
loop_
_pdbx_modification_feature.ordinal 
_pdbx_modification_feature.label_comp_id 
_pdbx_modification_feature.label_asym_id 
_pdbx_modification_feature.label_seq_id 
_pdbx_modification_feature.label_alt_id 
_pdbx_modification_feature.modified_residue_label_comp_id 
_pdbx_modification_feature.modified_residue_label_asym_id 
_pdbx_modification_feature.modified_residue_label_seq_id 
_pdbx_modification_feature.modified_residue_label_alt_id 
_pdbx_modification_feature.auth_comp_id 
_pdbx_modification_feature.auth_asym_id 
_pdbx_modification_feature.auth_seq_id 
_pdbx_modification_feature.PDB_ins_code 
_pdbx_modification_feature.symmetry 
_pdbx_modification_feature.modified_residue_auth_comp_id 
_pdbx_modification_feature.modified_residue_auth_asym_id 
_pdbx_modification_feature.modified_residue_auth_seq_id 
_pdbx_modification_feature.modified_residue_PDB_ins_code 
_pdbx_modification_feature.modified_residue_symmetry 
_pdbx_modification_feature.comp_id_linking_atom 
_pdbx_modification_feature.modified_residue_id_linking_atom 
_pdbx_modification_feature.modified_residue_id 
_pdbx_modification_feature.ref_pcm_id 
_pdbx_modification_feature.ref_comp_id 
_pdbx_modification_feature.type 
_pdbx_modification_feature.category 
1 FVA A 1  ? . . . . FVA A 1  ? 1_555 . . . . . . . VAL 1 FVA Formylation 'Named protein modification' 
2 FVA B 1  ? . . . . FVA B 1  ? 1_555 . . . . . . . VAL 1 FVA Formylation 'Named protein modification' 
3 ETA A 16 ? . . . . ETA A 16 ? 1_555 . . . . . . . ?   1 ETA None        'Non-standard residue'       
4 ETA B 16 ? . . . . ETA B 16 ? 1_555 . . . . . . . ?   1 ETA None        'Non-standard residue'       
# 
_struct_sheet.id               AA 
_struct_sheet.type             ? 
_struct_sheet.number_strands   2 
_struct_sheet.details          ? 
# 
_struct_sheet_order.sheet_id     AA 
_struct_sheet_order.range_id_1   1 
_struct_sheet_order.range_id_2   2 
_struct_sheet_order.offset       ? 
_struct_sheet_order.sense        anti-parallel 
# 
loop_
_struct_sheet_range.sheet_id 
_struct_sheet_range.id 
_struct_sheet_range.beg_label_comp_id 
_struct_sheet_range.beg_label_asym_id 
_struct_sheet_range.beg_label_seq_id 
_struct_sheet_range.pdbx_beg_PDB_ins_code 
_struct_sheet_range.end_label_comp_id 
_struct_sheet_range.end_label_asym_id 
_struct_sheet_range.end_label_seq_id 
_struct_sheet_range.pdbx_end_PDB_ins_code 
_struct_sheet_range.beg_auth_comp_id 
_struct_sheet_range.beg_auth_asym_id 
_struct_sheet_range.beg_auth_seq_id 
_struct_sheet_range.end_auth_comp_id 
_struct_sheet_range.end_auth_asym_id 
_struct_sheet_range.end_auth_seq_id 
AA 1 GLY A 2 ? TRP A 15 ? GLY A 2 TRP A 15 
AA 2 GLY B 2 ? TRP B 15 ? GLY B 2 TRP B 15 
# 
_pdbx_struct_sheet_hbond.sheet_id                AA 
_pdbx_struct_sheet_hbond.range_id_1              1 
_pdbx_struct_sheet_hbond.range_id_2              2 
_pdbx_struct_sheet_hbond.range_1_label_atom_id   N 
_pdbx_struct_sheet_hbond.range_1_label_comp_id   ALA 
_pdbx_struct_sheet_hbond.range_1_label_asym_id   A 
_pdbx_struct_sheet_hbond.range_1_label_seq_id    3 
_pdbx_struct_sheet_hbond.range_1_PDB_ins_code    ? 
_pdbx_struct_sheet_hbond.range_1_auth_atom_id    N 
_pdbx_struct_sheet_hbond.range_1_auth_comp_id    ALA 
_pdbx_struct_sheet_hbond.range_1_auth_asym_id    A 
_pdbx_struct_sheet_hbond.range_1_auth_seq_id     3 
_pdbx_struct_sheet_hbond.range_2_label_atom_id   O 
_pdbx_struct_sheet_hbond.range_2_label_comp_id   ALA 
_pdbx_struct_sheet_hbond.range_2_label_asym_id   B 
_pdbx_struct_sheet_hbond.range_2_label_seq_id    3 
_pdbx_struct_sheet_hbond.range_2_PDB_ins_code    ? 
_pdbx_struct_sheet_hbond.range_2_auth_atom_id    O 
_pdbx_struct_sheet_hbond.range_2_auth_comp_id    ALA 
_pdbx_struct_sheet_hbond.range_2_auth_asym_id    B 
_pdbx_struct_sheet_hbond.range_2_auth_seq_id     3 
# 
loop_
_struct_site.id 
_struct_site.pdbx_evidence_code 
_struct_site.pdbx_auth_asym_id 
_struct_site.pdbx_auth_comp_id 
_struct_site.pdbx_auth_seq_id 
_struct_site.pdbx_auth_ins_code 
_struct_site.pdbx_num_residues 
_struct_site.details 
AC1 Software ? ? ? ? 4 'BINDING SITE FOR CHAIN A OF GRAMICIDIN C' 
AC2 Software ? ? ? ? 4 'BINDING SITE FOR CHAIN B OF GRAMICIDIN C' 
# 
loop_
_struct_site_gen.id 
_struct_site_gen.site_id 
_struct_site_gen.pdbx_num_res 
_struct_site_gen.label_comp_id 
_struct_site_gen.label_asym_id 
_struct_site_gen.label_seq_id 
_struct_site_gen.pdbx_auth_ins_code 
_struct_site_gen.auth_comp_id 
_struct_site_gen.auth_asym_id 
_struct_site_gen.auth_seq_id 
_struct_site_gen.label_atom_id 
_struct_site_gen.label_alt_id 
_struct_site_gen.symmetry 
_struct_site_gen.details 
1 AC1 4 GLY B 2 ? GLY B 2 . ? 1_555 ? 
2 AC1 4 ALA B 3 ? ALA B 3 . ? 1_555 ? 
3 AC1 4 DLE B 4 ? DLE B 4 . ? 1_555 ? 
4 AC1 4 ALA B 5 ? ALA B 5 . ? 1_555 ? 
5 AC2 4 GLY A 2 ? GLY A 2 . ? 1_555 ? 
6 AC2 4 ALA A 3 ? ALA A 3 . ? 1_555 ? 
7 AC2 4 DLE A 4 ? DLE A 4 . ? 1_555 ? 
8 AC2 4 ALA A 5 ? ALA A 5 . ? 1_555 ? 
# 
_pdbx_entry_details.entry_id                   1JO4 
_pdbx_entry_details.compound_details           
;GRAMICIDIN IS A HETEROGENEOUS MIXTURE OF SEVERAL COMPOUNDS
 INCLUDING GRAMICIDIN A, B AND C WHICH ARE OBTAINED FROM
 BACILLUS BREVIS AND CALLED COLLECTIVELY GRAMICIDIN D
 HERE, GRAMICIDIN C IS REPRESENTED BY THE SEQUENCE (SEQRES)
;
_pdbx_entry_details.source_details             ? 
_pdbx_entry_details.nonpolymer_details         ? 
_pdbx_entry_details.sequence_details           ? 
_pdbx_entry_details.has_ligand_of_interest     ? 
_pdbx_entry_details.has_protein_modification   Y 
# 
_pdbx_molecule_features.prd_id    PRD_000153 
_pdbx_molecule_features.name      'GRAMICIDIN C' 
_pdbx_molecule_features.type      Polypeptide 
_pdbx_molecule_features.class     Antibiotic 
_pdbx_molecule_features.details   
;GRAMICIDIN C IS A HEXADECAMERIC HELICAL PEPTIDE
 WITH ALTERNATING D,L CHARACTERISTICS.
 THE N-TERM IS FORMYLATED (RESIDUE 0).
 THE C-TERM IS CAPPED WITH ETHANOLAMINE (RESIDUE 16).
;
# 
loop_
_pdbx_molecule.instance_id 
_pdbx_molecule.prd_id 
_pdbx_molecule.asym_id 
1 PRD_000153 A 
2 PRD_000153 B 
# 
_pdbx_nmr_ensemble.entry_id                             1JO4 
_pdbx_nmr_ensemble.conformers_calculated_total_number   ? 
_pdbx_nmr_ensemble.conformers_submitted_total_number    1 
_pdbx_nmr_ensemble.conformer_selection_criteria         ? 
# 
_pdbx_nmr_representative.entry_id             1JO4 
_pdbx_nmr_representative.conformer_id         ? 
_pdbx_nmr_representative.selection_criteria   'minimized average structure' 
# 
_pdbx_nmr_sample_details.solution_id   1 
_pdbx_nmr_sample_details.contents      
'5MM GRAMICIDIN C, 250MM DEUTERATED SODIUM DODECYL SULFATE, 80% 100MM PHOSPHATE BUFFER PH 6.5, 10% D2O, 10% DEUTERATED TFE' 
# 
_pdbx_nmr_exptl_sample_conditions.conditions_id       1 
_pdbx_nmr_exptl_sample_conditions.temperature         328 
_pdbx_nmr_exptl_sample_conditions.pressure_units      ? 
_pdbx_nmr_exptl_sample_conditions.pressure            AMBIENT 
_pdbx_nmr_exptl_sample_conditions.pH                  6.5 
_pdbx_nmr_exptl_sample_conditions.ionic_strength      ? 
_pdbx_nmr_exptl_sample_conditions.temperature_units   K 
# 
_pdbx_nmr_exptl.experiment_id   1 
_pdbx_nmr_exptl.conditions_id   1 
_pdbx_nmr_exptl.type            '2D NOESY' 
_pdbx_nmr_exptl.solution_id     1 
# 
_pdbx_nmr_details.entry_id   1JO4 
_pdbx_nmr_details.text       'A 40MSEC MIXING TIME WAS USED IN THE NOESY EXPERIMENT FROM WHICH DISTANCE CONSTRAINTS WERE OBTAINED.' 
# 
_pdbx_nmr_refine.entry_id           1JO4 
_pdbx_nmr_refine.method             'DISTANCE GEOMETRY, SIMULATED ANNEALING, RELAXATION MATRIX CALCULATION, MINIMIZATION' 
_pdbx_nmr_refine.details            
;THE STRUCTURE WAS MODELED USING 590 DISTANCE CONSTRAINTS AND 13 HYDROGEN BOND CONSTRAINTS PER MONOMER, INCLUDING CONSTRAINTS BETWEEN THE MONOMERS. THE C2 SYMMETRY CONSTRAINT DOUBLES THIS NUMBER OF CONSTRAINTS FOR THE DIMER. 100 STRUCTURES WERE GENERATED USING DSPACE, OF WHICH THE 10 WITH THE FEWEST VIOLATIONS FROM THE DISTANCE CONSTRAINTS WERE CHOSEN FOR THE AVERAGE STRUCTURE. THIS AVERAGE STRUCTURE WAS FURTHER REFINED BY CONSTRAINED MINIMIZATION WITH DISCOVER USING THE ALL-ATOM AMBER FORCE FIELD AND A DIELECTRIC CONSTANT OF 2.0 TO EMULATE THAT OF THE MICELLE INTERIOR.
;
_pdbx_nmr_refine.software_ordinal   1 
# 
loop_
_pdbx_nmr_software.classification 
_pdbx_nmr_software.name 
_pdbx_nmr_software.version 
_pdbx_nmr_software.authors 
_pdbx_nmr_software.ordinal 
refinement           'DISCOVER 97.2' ? BIOSYM/MSI 1 
'structure solution' 'VNMR 3.2'      ? ?          2 
'structure solution' 'FELIX 95.0'    ? ?          3 
'structure solution' 'DSPACE 4.0'    ? ?          4 
# 
loop_
_chem_comp_atom.comp_id 
_chem_comp_atom.atom_id 
_chem_comp_atom.type_symbol 
_chem_comp_atom.pdbx_aromatic_flag 
_chem_comp_atom.pdbx_stereo_config 
_chem_comp_atom.pdbx_ordinal 
ALA N    N N N 1   
ALA CA   C N S 2   
ALA C    C N N 3   
ALA O    O N N 4   
ALA CB   C N N 5   
ALA OXT  O N N 6   
ALA H    H N N 7   
ALA H2   H N N 8   
ALA HA   H N N 9   
ALA HB1  H N N 10  
ALA HB2  H N N 11  
ALA HB3  H N N 12  
ALA HXT  H N N 13  
DLE N    N N N 14  
DLE CA   C N R 15  
DLE CB   C N N 16  
DLE CG   C N N 17  
DLE CD1  C N N 18  
DLE CD2  C N N 19  
DLE C    C N N 20  
DLE O    O N N 21  
DLE OXT  O N N 22  
DLE H    H N N 23  
DLE H2   H N N 24  
DLE HA   H N N 25  
DLE HB2  H N N 26  
DLE HB3  H N N 27  
DLE HG   H N N 28  
DLE HD11 H N N 29  
DLE HD12 H N N 30  
DLE HD13 H N N 31  
DLE HD21 H N N 32  
DLE HD22 H N N 33  
DLE HD23 H N N 34  
DLE HXT  H N N 35  
DVA N    N N N 36  
DVA CA   C N R 37  
DVA CB   C N N 38  
DVA CG1  C N N 39  
DVA CG2  C N N 40  
DVA C    C N N 41  
DVA O    O N N 42  
DVA OXT  O N N 43  
DVA H    H N N 44  
DVA H2   H N N 45  
DVA HA   H N N 46  
DVA HB   H N N 47  
DVA HG11 H N N 48  
DVA HG12 H N N 49  
DVA HG13 H N N 50  
DVA HG21 H N N 51  
DVA HG22 H N N 52  
DVA HG23 H N N 53  
DVA HXT  H N N 54  
ETA CA   C N N 55  
ETA N    N N N 56  
ETA C    C N N 57  
ETA O    O N N 58  
ETA HA1  H N N 59  
ETA HA2  H N N 60  
ETA H    H N N 61  
ETA H2   H N N 62  
ETA HB1  H N N 63  
ETA HB2  H N N 64  
ETA HO   H N N 65  
FVA C    C N N 66  
FVA N    N N N 67  
FVA O    O N N 68  
FVA CA   C N S 69  
FVA CB   C N N 70  
FVA CG1  C N N 71  
FVA CG2  C N N 72  
FVA H    H N N 73  
FVA HA   H N N 74  
FVA HB   H N N 75  
FVA HG11 H N N 76  
FVA HG12 H N N 77  
FVA HG13 H N N 78  
FVA HG21 H N N 79  
FVA HG22 H N N 80  
FVA HG23 H N N 81  
FVA O1   O N N 82  
FVA CN   C N N 83  
FVA HN   H N N 84  
FVA OXT  O N N 85  
FVA HXT  H N N 86  
GLY N    N N N 87  
GLY CA   C N N 88  
GLY C    C N N 89  
GLY O    O N N 90  
GLY OXT  O N N 91  
GLY H    H N N 92  
GLY H2   H N N 93  
GLY HA2  H N N 94  
GLY HA3  H N N 95  
GLY HXT  H N N 96  
TRP N    N N N 97  
TRP CA   C N S 98  
TRP C    C N N 99  
TRP O    O N N 100 
TRP CB   C N N 101 
TRP CG   C Y N 102 
TRP CD1  C Y N 103 
TRP CD2  C Y N 104 
TRP NE1  N Y N 105 
TRP CE2  C Y N 106 
TRP CE3  C Y N 107 
TRP CZ2  C Y N 108 
TRP CZ3  C Y N 109 
TRP CH2  C Y N 110 
TRP OXT  O N N 111 
TRP H    H N N 112 
TRP H2   H N N 113 
TRP HA   H N N 114 
TRP HB2  H N N 115 
TRP HB3  H N N 116 
TRP HD1  H N N 117 
TRP HE1  H N N 118 
TRP HE3  H N N 119 
TRP HZ2  H N N 120 
TRP HZ3  H N N 121 
TRP HH2  H N N 122 
TRP HXT  H N N 123 
TYR N    N N N 124 
TYR CA   C N S 125 
TYR C    C N N 126 
TYR O    O N N 127 
TYR CB   C N N 128 
TYR CG   C Y N 129 
TYR CD1  C Y N 130 
TYR CD2  C Y N 131 
TYR CE1  C Y N 132 
TYR CE2  C Y N 133 
TYR CZ   C Y N 134 
TYR OH   O N N 135 
TYR OXT  O N N 136 
TYR H    H N N 137 
TYR H2   H N N 138 
TYR HA   H N N 139 
TYR HB2  H N N 140 
TYR HB3  H N N 141 
TYR HD1  H N N 142 
TYR HD2  H N N 143 
TYR HE1  H N N 144 
TYR HE2  H N N 145 
TYR HH   H N N 146 
TYR HXT  H N N 147 
VAL N    N N N 148 
VAL CA   C N S 149 
VAL C    C N N 150 
VAL O    O N N 151 
VAL CB   C N N 152 
VAL CG1  C N N 153 
VAL CG2  C N N 154 
VAL OXT  O N N 155 
VAL H    H N N 156 
VAL H2   H N N 157 
VAL HA   H N N 158 
VAL HB   H N N 159 
VAL HG11 H N N 160 
VAL HG12 H N N 161 
VAL HG13 H N N 162 
VAL HG21 H N N 163 
VAL HG22 H N N 164 
VAL HG23 H N N 165 
VAL HXT  H N N 166 
# 
loop_
_chem_comp_bond.comp_id 
_chem_comp_bond.atom_id_1 
_chem_comp_bond.atom_id_2 
_chem_comp_bond.value_order 
_chem_comp_bond.pdbx_aromatic_flag 
_chem_comp_bond.pdbx_stereo_config 
_chem_comp_bond.pdbx_ordinal 
ALA N    CA   sing N N 1   
ALA N    H    sing N N 2   
ALA N    H2   sing N N 3   
ALA CA   C    sing N N 4   
ALA CA   CB   sing N N 5   
ALA CA   HA   sing N N 6   
ALA C    O    doub N N 7   
ALA C    OXT  sing N N 8   
ALA CB   HB1  sing N N 9   
ALA CB   HB2  sing N N 10  
ALA CB   HB3  sing N N 11  
ALA OXT  HXT  sing N N 12  
DLE N    CA   sing N N 13  
DLE N    H    sing N N 14  
DLE N    H2   sing N N 15  
DLE CA   CB   sing N N 16  
DLE CA   C    sing N N 17  
DLE CA   HA   sing N N 18  
DLE CB   CG   sing N N 19  
DLE CB   HB2  sing N N 20  
DLE CB   HB3  sing N N 21  
DLE CG   CD1  sing N N 22  
DLE CG   CD2  sing N N 23  
DLE CG   HG   sing N N 24  
DLE CD1  HD11 sing N N 25  
DLE CD1  HD12 sing N N 26  
DLE CD1  HD13 sing N N 27  
DLE CD2  HD21 sing N N 28  
DLE CD2  HD22 sing N N 29  
DLE CD2  HD23 sing N N 30  
DLE C    O    doub N N 31  
DLE C    OXT  sing N N 32  
DLE OXT  HXT  sing N N 33  
DVA N    CA   sing N N 34  
DVA N    H    sing N N 35  
DVA N    H2   sing N N 36  
DVA CA   CB   sing N N 37  
DVA CA   C    sing N N 38  
DVA CA   HA   sing N N 39  
DVA CB   CG1  sing N N 40  
DVA CB   CG2  sing N N 41  
DVA CB   HB   sing N N 42  
DVA CG1  HG11 sing N N 43  
DVA CG1  HG12 sing N N 44  
DVA CG1  HG13 sing N N 45  
DVA CG2  HG21 sing N N 46  
DVA CG2  HG22 sing N N 47  
DVA CG2  HG23 sing N N 48  
DVA C    O    doub N N 49  
DVA C    OXT  sing N N 50  
DVA OXT  HXT  sing N N 51  
ETA CA   N    sing N N 52  
ETA CA   C    sing N N 53  
ETA CA   HA1  sing N N 54  
ETA CA   HA2  sing N N 55  
ETA N    H    sing N N 56  
ETA N    H2   sing N N 57  
ETA C    O    sing N N 58  
ETA C    HB1  sing N N 59  
ETA C    HB2  sing N N 60  
ETA O    HO   sing N N 61  
FVA O    C    doub N N 62  
FVA C    CA   sing N N 63  
FVA H    N    sing N N 64  
FVA N    CN   sing N N 65  
FVA N    CA   sing N N 66  
FVA CB   CA   sing N N 67  
FVA CA   HA   sing N N 68  
FVA HB   CB   sing N N 69  
FVA CB   CG2  sing N N 70  
FVA CB   CG1  sing N N 71  
FVA HG13 CG1  sing N N 72  
FVA HG12 CG1  sing N N 73  
FVA CG1  HG11 sing N N 74  
FVA HG22 CG2  sing N N 75  
FVA HG23 CG2  sing N N 76  
FVA CG2  HG21 sing N N 77  
FVA CN   O1   doub N N 78  
FVA HN   CN   sing N N 79  
FVA C    OXT  sing N N 80  
FVA OXT  HXT  sing N N 81  
GLY N    CA   sing N N 82  
GLY N    H    sing N N 83  
GLY N    H2   sing N N 84  
GLY CA   C    sing N N 85  
GLY CA   HA2  sing N N 86  
GLY CA   HA3  sing N N 87  
GLY C    O    doub N N 88  
GLY C    OXT  sing N N 89  
GLY OXT  HXT  sing N N 90  
TRP N    CA   sing N N 91  
TRP N    H    sing N N 92  
TRP N    H2   sing N N 93  
TRP CA   C    sing N N 94  
TRP CA   CB   sing N N 95  
TRP CA   HA   sing N N 96  
TRP C    O    doub N N 97  
TRP C    OXT  sing N N 98  
TRP CB   CG   sing N N 99  
TRP CB   HB2  sing N N 100 
TRP CB   HB3  sing N N 101 
TRP CG   CD1  doub Y N 102 
TRP CG   CD2  sing Y N 103 
TRP CD1  NE1  sing Y N 104 
TRP CD1  HD1  sing N N 105 
TRP CD2  CE2  doub Y N 106 
TRP CD2  CE3  sing Y N 107 
TRP NE1  CE2  sing Y N 108 
TRP NE1  HE1  sing N N 109 
TRP CE2  CZ2  sing Y N 110 
TRP CE3  CZ3  doub Y N 111 
TRP CE3  HE3  sing N N 112 
TRP CZ2  CH2  doub Y N 113 
TRP CZ2  HZ2  sing N N 114 
TRP CZ3  CH2  sing Y N 115 
TRP CZ3  HZ3  sing N N 116 
TRP CH2  HH2  sing N N 117 
TRP OXT  HXT  sing N N 118 
TYR N    CA   sing N N 119 
TYR N    H    sing N N 120 
TYR N    H2   sing N N 121 
TYR CA   C    sing N N 122 
TYR CA   CB   sing N N 123 
TYR CA   HA   sing N N 124 
TYR C    O    doub N N 125 
TYR C    OXT  sing N N 126 
TYR CB   CG   sing N N 127 
TYR CB   HB2  sing N N 128 
TYR CB   HB3  sing N N 129 
TYR CG   CD1  doub Y N 130 
TYR CG   CD2  sing Y N 131 
TYR CD1  CE1  sing Y N 132 
TYR CD1  HD1  sing N N 133 
TYR CD2  CE2  doub Y N 134 
TYR CD2  HD2  sing N N 135 
TYR CE1  CZ   doub Y N 136 
TYR CE1  HE1  sing N N 137 
TYR CE2  CZ   sing Y N 138 
TYR CE2  HE2  sing N N 139 
TYR CZ   OH   sing N N 140 
TYR OH   HH   sing N N 141 
TYR OXT  HXT  sing N N 142 
VAL N    CA   sing N N 143 
VAL N    H    sing N N 144 
VAL N    H2   sing N N 145 
VAL CA   C    sing N N 146 
VAL CA   CB   sing N N 147 
VAL CA   HA   sing N N 148 
VAL C    O    doub N N 149 
VAL C    OXT  sing N N 150 
VAL CB   CG1  sing N N 151 
VAL CB   CG2  sing N N 152 
VAL CB   HB   sing N N 153 
VAL CG1  HG11 sing N N 154 
VAL CG1  HG12 sing N N 155 
VAL CG1  HG13 sing N N 156 
VAL CG2  HG21 sing N N 157 
VAL CG2  HG22 sing N N 158 
VAL CG2  HG23 sing N N 159 
VAL OXT  HXT  sing N N 160 
# 
_pdbx_nmr_spectrometer.spectrometer_id   1 
_pdbx_nmr_spectrometer.model             VXRS 
_pdbx_nmr_spectrometer.manufacturer      Varian 
_pdbx_nmr_spectrometer.field_strength    500 
# 
_atom_sites.entry_id                    1JO4 
_atom_sites.fract_transf_matrix[1][1]   1.000000 
_atom_sites.fract_transf_matrix[1][2]   0.000000 
_atom_sites.fract_transf_matrix[1][3]   0.000000 
_atom_sites.fract_transf_matrix[2][1]   0.000000 
_atom_sites.fract_transf_matrix[2][2]   1.000000 
_atom_sites.fract_transf_matrix[2][3]   0.000000 
_atom_sites.fract_transf_matrix[3][1]   0.000000 
_atom_sites.fract_transf_matrix[3][2]   0.000000 
_atom_sites.fract_transf_matrix[3][3]   1.000000 
_atom_sites.fract_transf_vector[1]      0.00000 
_atom_sites.fract_transf_vector[2]      0.00000 
_atom_sites.fract_transf_vector[3]      0.00000 
# 
loop_
_atom_type.symbol 
C 
H 
N 
O 
# 
loop_
_atom_site.group_PDB 
_atom_site.id 
_atom_site.type_symbol 
_atom_site.label_atom_id 
_atom_site.label_alt_id 
_atom_site.label_comp_id 
_atom_site.label_asym_id 
_atom_site.label_entity_id 
_atom_site.label_seq_id 
_atom_site.pdbx_PDB_ins_code 
_atom_site.Cartn_x 
_atom_site.Cartn_y 
_atom_site.Cartn_z 
_atom_site.occupancy 
_atom_site.B_iso_or_equiv 
_atom_site.pdbx_formal_charge 
_atom_site.auth_seq_id 
_atom_site.auth_comp_id 
_atom_site.auth_asym_id 
_atom_site.auth_atom_id 
_atom_site.pdbx_PDB_model_num 
HETATM 1   C C    . FVA A 1 1  ? -0.113  -4.021 -0.595  1.00 0.00 ? 1  FVA A C    1 
HETATM 2   N N    . FVA A 1 1  ? 1.234   -3.092 -2.437  1.00 0.00 ? 1  FVA A N    1 
HETATM 3   O O    . FVA A 1 1  ? 0.697   -4.165 0.319   1.00 0.00 ? 1  FVA A O    1 
HETATM 4   C CA   . FVA A 1 1  ? 0.349   -4.198 -2.055  1.00 0.00 ? 1  FVA A CA   1 
HETATM 5   C CB   . FVA A 1 1  ? 1.069   -5.553 -2.258  1.00 0.00 ? 1  FVA A CB   1 
HETATM 6   C CG1  . FVA A 1 1  ? 0.130   -6.727 -1.928  1.00 0.00 ? 1  FVA A CG1  1 
HETATM 7   C CG2  . FVA A 1 1  ? 1.582   -5.727 -3.699  1.00 0.00 ? 1  FVA A CG2  1 
HETATM 8   H H    . FVA A 1 1  ? 1.988   -2.866 -1.802  1.00 0.00 ? 1  FVA A H    1 
HETATM 9   H HA   . FVA A 1 1  ? -0.524  -4.204 -2.705  1.00 0.00 ? 1  FVA A HA   1 
HETATM 10  H HB   . FVA A 1 1  ? 1.930   -5.605 -1.588  1.00 0.00 ? 1  FVA A HB   1 
HETATM 11  H HG11 . FVA A 1 1  ? -0.185  -6.687 -0.885  1.00 0.00 ? 1  FVA A HG11 1 
HETATM 12  H HG12 . FVA A 1 1  ? -0.755  -6.693 -2.565  1.00 0.00 ? 1  FVA A HG12 1 
HETATM 13  H HG13 . FVA A 1 1  ? 0.645   -7.674 -2.090  1.00 0.00 ? 1  FVA A HG13 1 
HETATM 14  O O1   . FVA A 1 1  ? 0.274   -2.564 -4.404  1.00 0.00 ? 1  FVA A O1   1 
HETATM 15  H HG21 . FVA A 1 1  ? 2.339   -4.977 -3.930  1.00 0.00 ? 1  FVA A HG21 1 
HETATM 16  C CN   . FVA A 1 1  ? 1.146   -2.371 -3.560  1.00 0.00 ? 1  FVA A CN   1 
HETATM 17  H HG22 . FVA A 1 1  ? 2.037   -6.711 -3.817  1.00 0.00 ? 1  FVA A HG22 1 
HETATM 18  H HG23 . FVA A 1 1  ? 0.760   -5.631 -4.408  1.00 0.00 ? 1  FVA A HG23 1 
HETATM 19  H HN   . FVA A 1 1  ? 1.880   -1.586 -3.737  1.00 0.00 ? 1  FVA A HN   1 
ATOM   20  N N    . GLY A 1 2  ? -1.405  -3.735 -0.367  1.00 0.00 ? 2  GLY A N    1 
ATOM   21  C CA   . GLY A 1 2  ? -2.014  -3.648 0.967   1.00 0.00 ? 2  GLY A CA   1 
ATOM   22  C C    . GLY A 1 2  ? -3.076  -2.548 1.089   1.00 0.00 ? 2  GLY A C    1 
ATOM   23  O O    . GLY A 1 2  ? -4.274  -2.832 1.067   1.00 0.00 ? 2  GLY A O    1 
ATOM   24  H H    . GLY A 1 2  ? -2.013  -3.670 -1.173  1.00 0.00 ? 2  GLY A H    1 
ATOM   25  H HA2  . GLY A 1 2  ? -2.473  -4.611 1.195   1.00 0.00 ? 2  GLY A HA2  1 
ATOM   26  H HA3  . GLY A 1 2  ? -1.261  -3.452 1.728   1.00 0.00 ? 2  GLY A HA3  1 
ATOM   27  N N    . ALA A 1 3  ? -2.642  -1.292 1.253   1.00 0.00 ? 3  ALA A N    1 
ATOM   28  C CA   . ALA A 1 3  ? -3.521  -0.131 1.418   1.00 0.00 ? 3  ALA A CA   1 
ATOM   29  C C    . ALA A 1 3  ? -2.886  1.188  0.939   1.00 0.00 ? 3  ALA A C    1 
ATOM   30  O O    . ALA A 1 3  ? -1.668  1.306  0.806   1.00 0.00 ? 3  ALA A O    1 
ATOM   31  C CB   . ALA A 1 3  ? -3.989  -0.029 2.878   1.00 0.00 ? 3  ALA A CB   1 
ATOM   32  H H    . ALA A 1 3  ? -1.641  -1.133 1.281   1.00 0.00 ? 3  ALA A H    1 
ATOM   33  H HA   . ALA A 1 3  ? -4.402  -0.300 0.799   1.00 0.00 ? 3  ALA A HA   1 
ATOM   34  H HB1  . ALA A 1 3  ? -3.133  0.027  3.549   1.00 0.00 ? 3  ALA A HB1  1 
ATOM   35  H HB2  . ALA A 1 3  ? -4.594  0.867  3.017   1.00 0.00 ? 3  ALA A HB2  1 
ATOM   36  H HB3  . ALA A 1 3  ? -4.594  -0.897 3.143   1.00 0.00 ? 3  ALA A HB3  1 
HETATM 37  N N    . DLE A 1 4  ? -3.740  2.186  0.677   1.00 0.00 ? 4  DLE A N    1 
HETATM 38  C CA   . DLE A 1 4  ? -3.397  3.488  0.100   1.00 0.00 ? 4  DLE A CA   1 
HETATM 39  C CB   . DLE A 1 4  ? -4.153  4.596  0.864   1.00 0.00 ? 4  DLE A CB   1 
HETATM 40  C CG   . DLE A 1 4  ? -3.391  5.072  2.118   1.00 0.00 ? 4  DLE A CG   1 
HETATM 41  C CD1  . DLE A 1 4  ? -2.324  6.116  1.748   1.00 0.00 ? 4  DLE A CD1  1 
HETATM 42  C CD2  . DLE A 1 4  ? -4.364  5.685  3.135   1.00 0.00 ? 4  DLE A CD2  1 
HETATM 43  C C    . DLE A 1 4  ? -3.723  3.465  -1.404  1.00 0.00 ? 4  DLE A C    1 
HETATM 44  O O    . DLE A 1 4  ? -4.870  3.669  -1.796  1.00 0.00 ? 4  DLE A O    1 
HETATM 45  H H    . DLE A 1 4  ? -4.729  1.986  0.781   1.00 0.00 ? 4  DLE A H    1 
HETATM 46  H HA   . DLE A 1 4  ? -2.333  3.679  0.210   1.00 0.00 ? 4  DLE A HA   1 
HETATM 47  H HB2  . DLE A 1 4  ? -4.324  5.458  0.217   1.00 0.00 ? 4  DLE A HB2  1 
HETATM 48  H HB3  . DLE A 1 4  ? -5.126  4.206  1.165   1.00 0.00 ? 4  DLE A HB3  1 
HETATM 49  H HG   . DLE A 1 4  ? -2.901  4.216  2.591   1.00 0.00 ? 4  DLE A HG   1 
HETATM 50  H HD11 . DLE A 1 4  ? -1.655  5.735  0.978   1.00 0.00 ? 4  DLE A HD11 1 
HETATM 51  H HD12 . DLE A 1 4  ? -2.800  7.022  1.370   1.00 0.00 ? 4  DLE A HD12 1 
HETATM 52  H HD13 . DLE A 1 4  ? -1.734  6.371  2.630   1.00 0.00 ? 4  DLE A HD13 1 
HETATM 53  H HD21 . DLE A 1 4  ? -5.092  4.937  3.452   1.00 0.00 ? 4  DLE A HD21 1 
HETATM 54  H HD22 . DLE A 1 4  ? -3.818  6.031  4.013   1.00 0.00 ? 4  DLE A HD22 1 
HETATM 55  H HD23 . DLE A 1 4  ? -4.894  6.528  2.689   1.00 0.00 ? 4  DLE A HD23 1 
ATOM   56  N N    . ALA A 1 5  ? -2.720  3.182  -2.242  1.00 0.00 ? 5  ALA A N    1 
ATOM   57  C CA   . ALA A 1 5  ? -2.860  2.984  -3.686  1.00 0.00 ? 5  ALA A CA   1 
ATOM   58  C C    . ALA A 1 5  ? -2.055  1.764  -4.169  1.00 0.00 ? 5  ALA A C    1 
ATOM   59  O O    . ALA A 1 5  ? -0.931  1.545  -3.719  1.00 0.00 ? 5  ALA A O    1 
ATOM   60  C CB   . ALA A 1 5  ? -2.414  4.254  -4.424  1.00 0.00 ? 5  ALA A CB   1 
ATOM   61  H H    . ALA A 1 5  ? -1.793  3.081  -1.846  1.00 0.00 ? 5  ALA A H    1 
ATOM   62  H HA   . ALA A 1 5  ? -3.909  2.816  -3.920  1.00 0.00 ? 5  ALA A HA   1 
ATOM   63  H HB1  . ALA A 1 5  ? -2.956  5.121  -4.048  1.00 0.00 ? 5  ALA A HB1  1 
ATOM   64  H HB2  . ALA A 1 5  ? -1.347  4.418  -4.281  1.00 0.00 ? 5  ALA A HB2  1 
ATOM   65  H HB3  . ALA A 1 5  ? -2.618  4.151  -5.491  1.00 0.00 ? 5  ALA A HB3  1 
HETATM 66  N N    . DVA A 1 6  ? -2.615  0.991  -5.109  1.00 0.00 ? 6  DVA A N    1 
HETATM 67  C CA   . DVA A 1 6  ? -1.959  -0.150 -5.758  1.00 0.00 ? 6  DVA A CA   1 
HETATM 68  C CB   . DVA A 1 6  ? -1.498  0.245  -7.180  1.00 0.00 ? 6  DVA A CB   1 
HETATM 69  C CG1  . DVA A 1 6  ? -0.589  1.487  -7.165  1.00 0.00 ? 6  DVA A CG1  1 
HETATM 70  C CG2  . DVA A 1 6  ? -0.740  -0.912 -7.853  1.00 0.00 ? 6  DVA A CG2  1 
HETATM 71  C C    . DVA A 1 6  ? -2.915  -1.358 -5.788  1.00 0.00 ? 6  DVA A C    1 
HETATM 72  O O    . DVA A 1 6  ? -3.993  -1.269 -6.370  1.00 0.00 ? 6  DVA A O    1 
HETATM 73  H H    . DVA A 1 6  ? -3.556  1.215  -5.406  1.00 0.00 ? 6  DVA A H    1 
HETATM 74  H HA   . DVA A 1 6  ? -1.067  -0.425 -5.194  1.00 0.00 ? 6  DVA A HA   1 
HETATM 75  H HB   . DVA A 1 6  ? -2.376  0.478  -7.786  1.00 0.00 ? 6  DVA A HB   1 
HETATM 76  H HG11 . DVA A 1 6  ? 0.283   1.306  -6.535  1.00 0.00 ? 6  DVA A HG11 1 
HETATM 77  H HG12 . DVA A 1 6  ? -0.258  1.716  -8.179  1.00 0.00 ? 6  DVA A HG12 1 
HETATM 78  H HG13 . DVA A 1 6  ? -1.127  2.355  -6.786  1.00 0.00 ? 6  DVA A HG13 1 
HETATM 79  H HG21 . DVA A 1 6  ? 0.090   -1.236 -7.224  1.00 0.00 ? 6  DVA A HG21 1 
HETATM 80  H HG22 . DVA A 1 6  ? -1.411  -1.753 -8.023  1.00 0.00 ? 6  DVA A HG22 1 
HETATM 81  H HG23 . DVA A 1 6  ? -0.345  -0.595 -8.818  1.00 0.00 ? 6  DVA A HG23 1 
ATOM   82  N N    . VAL A 1 7  ? -2.518  -2.479 -5.171  1.00 0.00 ? 7  VAL A N    1 
ATOM   83  C CA   . VAL A 1 7  ? -3.290  -3.723 -5.071  1.00 0.00 ? 7  VAL A CA   1 
ATOM   84  C C    . VAL A 1 7  ? -3.750  -3.919 -3.613  1.00 0.00 ? 7  VAL A C    1 
ATOM   85  O O    . VAL A 1 7  ? -2.943  -4.279 -2.756  1.00 0.00 ? 7  VAL A O    1 
ATOM   86  C CB   . VAL A 1 7  ? -2.438  -4.910 -5.584  1.00 0.00 ? 7  VAL A CB   1 
ATOM   87  C CG1  . VAL A 1 7  ? -3.252  -6.216 -5.596  1.00 0.00 ? 7  VAL A CG1  1 
ATOM   88  C CG2  . VAL A 1 7  ? -1.903  -4.659 -7.004  1.00 0.00 ? 7  VAL A CG2  1 
ATOM   89  H H    . VAL A 1 7  ? -1.599  -2.476 -4.746  1.00 0.00 ? 7  VAL A H    1 
ATOM   90  H HA   . VAL A 1 7  ? -4.170  -3.673 -5.716  1.00 0.00 ? 7  VAL A HA   1 
ATOM   91  H HB   . VAL A 1 7  ? -1.579  -5.051 -4.926  1.00 0.00 ? 7  VAL A HB   1 
ATOM   92  H HG11 . VAL A 1 7  ? -4.143  -6.102 -6.214  1.00 0.00 ? 7  VAL A HG11 1 
ATOM   93  H HG12 . VAL A 1 7  ? -2.646  -7.030 -5.997  1.00 0.00 ? 7  VAL A HG12 1 
ATOM   94  H HG13 . VAL A 1 7  ? -3.549  -6.487 -4.585  1.00 0.00 ? 7  VAL A HG13 1 
ATOM   95  H HG21 . VAL A 1 7  ? -2.723  -4.419 -7.682  1.00 0.00 ? 7  VAL A HG21 1 
ATOM   96  H HG22 . VAL A 1 7  ? -1.191  -3.836 -6.996  1.00 0.00 ? 7  VAL A HG22 1 
ATOM   97  H HG23 . VAL A 1 7  ? -1.385  -5.545 -7.373  1.00 0.00 ? 7  VAL A HG23 1 
HETATM 98  N N    . DVA A 1 8  ? -5.032  -3.669 -3.308  1.00 0.00 ? 8  DVA A N    1 
HETATM 99  C CA   . DVA A 1 8  ? -5.585  -3.699 -1.945  1.00 0.00 ? 8  DVA A CA   1 
HETATM 100 C CB   . DVA A 1 8  ? -6.186  -5.090 -1.618  1.00 0.00 ? 8  DVA A CB   1 
HETATM 101 C CG1  . DVA A 1 8  ? -5.134  -6.209 -1.686  1.00 0.00 ? 8  DVA A CG1  1 
HETATM 102 C CG2  . DVA A 1 8  ? -6.800  -5.123 -0.204  1.00 0.00 ? 8  DVA A CG2  1 
HETATM 103 C C    . DVA A 1 8  ? -6.625  -2.579 -1.748  1.00 0.00 ? 8  DVA A C    1 
HETATM 104 O O    . DVA A 1 8  ? -7.465  -2.351 -2.616  1.00 0.00 ? 8  DVA A O    1 
HETATM 105 H H    . DVA A 1 8  ? -5.647  -3.368 -4.054  1.00 0.00 ? 8  DVA A H    1 
HETATM 106 H HA   . DVA A 1 8  ? -4.771  -3.518 -1.243  1.00 0.00 ? 8  DVA A HA   1 
HETATM 107 H HB   . DVA A 1 8  ? -6.970  -5.317 -2.346  1.00 0.00 ? 8  DVA A HB   1 
HETATM 108 H HG11 . DVA A 1 8  ? -4.291  -5.979 -1.032  1.00 0.00 ? 8  DVA A HG11 1 
HETATM 109 H HG12 . DVA A 1 8  ? -5.571  -7.159 -1.376  1.00 0.00 ? 8  DVA A HG12 1 
HETATM 110 H HG13 . DVA A 1 8  ? -4.775  -6.328 -2.705  1.00 0.00 ? 8  DVA A HG13 1 
HETATM 111 H HG21 . DVA A 1 8  ? -7.628  -4.420 -0.116  1.00 0.00 ? 8  DVA A HG21 1 
HETATM 112 H HG22 . DVA A 1 8  ? -7.186  -6.120 0.014   1.00 0.00 ? 8  DVA A HG22 1 
HETATM 113 H HG23 . DVA A 1 8  ? -6.043  -4.873 0.540   1.00 0.00 ? 8  DVA A HG23 1 
ATOM   114 N N    . TRP A 1 9  ? -6.613  -1.917 -0.582  1.00 0.00 ? 9  TRP A N    1 
ATOM   115 C CA   . TRP A 1 9  ? -7.668  -0.994 -0.148  1.00 0.00 ? 9  TRP A CA   1 
ATOM   116 C C    . TRP A 1 9  ? -7.316  0.489  -0.391  1.00 0.00 ? 9  TRP A C    1 
ATOM   117 O O    . TRP A 1 9  ? -6.334  0.991  0.155   1.00 0.00 ? 9  TRP A O    1 
ATOM   118 C CB   . TRP A 1 9  ? -7.979  -1.250 1.336   1.00 0.00 ? 9  TRP A CB   1 
ATOM   119 C CG   . TRP A 1 9  ? -9.051  -0.364 1.898   1.00 0.00 ? 9  TRP A CG   1 
ATOM   120 C CD1  . TRP A 1 9  ? -10.381 -0.538 1.737   1.00 0.00 ? 9  TRP A CD1  1 
ATOM   121 C CD2  . TRP A 1 9  ? -8.899  0.909  2.594   1.00 0.00 ? 9  TRP A CD2  1 
ATOM   122 N NE1  . TRP A 1 9  ? -11.069 0.526  2.285   1.00 0.00 ? 9  TRP A NE1  1 
ATOM   123 C CE2  . TRP A 1 9  ? -10.201 1.454  2.825   1.00 0.00 ? 9  TRP A CE2  1 
ATOM   124 C CE3  . TRP A 1 9  ? -7.789  1.680  3.020   1.00 0.00 ? 9  TRP A CE3  1 
ATOM   125 C CZ2  . TRP A 1 9  ? -10.393 2.698  3.455   1.00 0.00 ? 9  TRP A CZ2  1 
ATOM   126 C CZ3  . TRP A 1 9  ? -7.968  2.928  3.654   1.00 0.00 ? 9  TRP A CZ3  1 
ATOM   127 C CH2  . TRP A 1 9  ? -9.266  3.437  3.874   1.00 0.00 ? 9  TRP A CH2  1 
ATOM   128 H H    . TRP A 1 9  ? -5.886  -2.151 0.085   1.00 0.00 ? 9  TRP A H    1 
ATOM   129 H HA   . TRP A 1 9  ? -8.590  -1.229 -0.683  1.00 0.00 ? 9  TRP A HA   1 
ATOM   130 H HB2  . TRP A 1 9  ? -8.288  -2.291 1.463   1.00 0.00 ? 9  TRP A HB2  1 
ATOM   131 H HB3  . TRP A 1 9  ? -7.069  -1.104 1.923   1.00 0.00 ? 9  TRP A HB3  1 
ATOM   132 H HD1  . TRP A 1 9  ? -10.838 -1.359 1.205   1.00 0.00 ? 9  TRP A HD1  1 
ATOM   133 H HE1  . TRP A 1 9  ? -12.071 0.650  2.249   1.00 0.00 ? 9  TRP A HE1  1 
ATOM   134 H HE3  . TRP A 1 9  ? -6.791  1.313  2.840   1.00 0.00 ? 9  TRP A HE3  1 
ATOM   135 H HZ2  . TRP A 1 9  ? -11.390 3.086  3.608   1.00 0.00 ? 9  TRP A HZ2  1 
ATOM   136 H HZ3  . TRP A 1 9  ? -7.101  3.496  3.960   1.00 0.00 ? 9  TRP A HZ3  1 
ATOM   137 H HH2  . TRP A 1 9  ? -9.395  4.397  4.355   1.00 0.00 ? 9  TRP A HH2  1 
HETATM 138 N N    . DLE A 1 10 ? -8.154  1.210  -1.151  1.00 0.00 ? 10 DLE A N    1 
HETATM 139 C CA   . DLE A 1 10 ? -8.066  2.664  -1.331  1.00 0.00 ? 10 DLE A CA   1 
HETATM 140 C CB   . DLE A 1 10 ? -9.126  3.351  -0.445  1.00 0.00 ? 10 DLE A CB   1 
HETATM 141 C CG   . DLE A 1 10 ? -8.943  4.875  -0.305  1.00 0.00 ? 10 DLE A CG   1 
HETATM 142 C CD1  . DLE A 1 10 ? -10.130 5.467  0.469   1.00 0.00 ? 10 DLE A CD1  1 
HETATM 143 C CD2  . DLE A 1 10 ? -7.633  5.226  0.419   1.00 0.00 ? 10 DLE A CD2  1 
HETATM 144 C C    . DLE A 1 10 ? -8.178  3.041  -2.820  1.00 0.00 ? 10 DLE A C    1 
HETATM 145 O O    . DLE A 1 10 ? -9.267  3.349  -3.306  1.00 0.00 ? 10 DLE A O    1 
HETATM 146 H H    . DLE A 1 10 ? -8.927  0.731  -1.597  1.00 0.00 ? 10 DLE A H    1 
HETATM 147 H HA   . DLE A 1 10 ? -7.095  3.003  -0.979  1.00 0.00 ? 10 DLE A HA   1 
HETATM 148 H HB2  . DLE A 1 10 ? -10.115 3.168  -0.861  1.00 0.00 ? 10 DLE A HB2  1 
HETATM 149 H HB3  . DLE A 1 10 ? -9.101  2.910  0.553   1.00 0.00 ? 10 DLE A HB3  1 
HETATM 150 H HG   . DLE A 1 10 ? -8.931  5.328  -1.298  1.00 0.00 ? 10 DLE A HG   1 
HETATM 151 H HD11 . DLE A 1 10 ? -10.173 5.047  1.474   1.00 0.00 ? 10 DLE A HD11 1 
HETATM 152 H HD12 . DLE A 1 10 ? -10.025 6.551  0.541   1.00 0.00 ? 10 DLE A HD12 1 
HETATM 153 H HD13 . DLE A 1 10 ? -11.063 5.244  -0.050  1.00 0.00 ? 10 DLE A HD13 1 
HETATM 154 H HD21 . DLE A 1 10 ? -7.542  4.649  1.339   1.00 0.00 ? 10 DLE A HD21 1 
HETATM 155 H HD22 . DLE A 1 10 ? -6.782  5.014  -0.225  1.00 0.00 ? 10 DLE A HD22 1 
HETATM 156 H HD23 . DLE A 1 10 ? -7.606  6.287  0.665   1.00 0.00 ? 10 DLE A HD23 1 
ATOM   157 N N    . TYR A 1 11 ? -7.045  3.019  -3.537  1.00 0.00 ? 11 TYR A N    1 
ATOM   158 C CA   . TYR A 1 11 ? -6.920  3.407  -4.948  1.00 0.00 ? 11 TYR A CA   1 
ATOM   159 C C    . TYR A 1 11 ? -6.235  2.318  -5.802  1.00 0.00 ? 11 TYR A C    1 
ATOM   160 O O    . TYR A 1 11 ? -5.506  1.466  -5.295  1.00 0.00 ? 11 TYR A O    1 
ATOM   161 C CB   . TYR A 1 11 ? -6.154  4.742  -5.045  1.00 0.00 ? 11 TYR A CB   1 
ATOM   162 C CG   . TYR A 1 11 ? -6.670  5.857  -4.147  1.00 0.00 ? 11 TYR A CG   1 
ATOM   163 C CD1  . TYR A 1 11 ? -7.995  6.323  -4.306  1.00 0.00 ? 11 TYR A CD1  1 
ATOM   164 C CD2  . TYR A 1 11 ? -5.870  6.370  -3.099  1.00 0.00 ? 11 TYR A CD2  1 
ATOM   165 C CE1  . TYR A 1 11 ? -8.522  7.281  -3.415  1.00 0.00 ? 11 TYR A CE1  1 
ATOM   166 C CE2  . TYR A 1 11 ? -6.400  7.324  -2.206  1.00 0.00 ? 11 TYR A CE2  1 
ATOM   167 C CZ   . TYR A 1 11 ? -7.727  7.772  -2.358  1.00 0.00 ? 11 TYR A CZ   1 
ATOM   168 O OH   . TYR A 1 11 ? -8.242  8.677  -1.480  1.00 0.00 ? 11 TYR A OH   1 
ATOM   169 H H    . TYR A 1 11 ? -6.191  2.799  -3.041  1.00 0.00 ? 11 TYR A H    1 
ATOM   170 H HA   . TYR A 1 11 ? -7.915  3.561  -5.371  1.00 0.00 ? 11 TYR A HA   1 
ATOM   171 H HB2  . TYR A 1 11 ? -5.108  4.556  -4.809  1.00 0.00 ? 11 TYR A HB2  1 
ATOM   172 H HB3  . TYR A 1 11 ? -6.186  5.097  -6.076  1.00 0.00 ? 11 TYR A HB3  1 
ATOM   173 H HD1  . TYR A 1 11 ? -8.607  5.929  -5.104  1.00 0.00 ? 11 TYR A HD1  1 
ATOM   174 H HD2  . TYR A 1 11 ? -4.851  6.029  -2.971  1.00 0.00 ? 11 TYR A HD2  1 
ATOM   175 H HE1  . TYR A 1 11 ? -9.538  7.624  -3.534  1.00 0.00 ? 11 TYR A HE1  1 
ATOM   176 H HE2  . TYR A 1 11 ? -5.793  7.705  -1.398  1.00 0.00 ? 11 TYR A HE2  1 
ATOM   177 H HH   . TYR A 1 11 ? -9.154  8.895  -1.680  1.00 0.00 ? 11 TYR A HH   1 
HETATM 178 N N    . DLE A 1 12 ? -6.445  2.379  -7.122  1.00 0.00 ? 12 DLE A N    1 
HETATM 179 C CA   . DLE A 1 12 ? -5.830  1.497  -8.116  1.00 0.00 ? 12 DLE A CA   1 
HETATM 180 C CB   . DLE A 1 12 ? -5.533  2.312  -9.392  1.00 0.00 ? 12 DLE A CB   1 
HETATM 181 C CG   . DLE A 1 12 ? -4.676  3.574  -9.154  1.00 0.00 ? 12 DLE A CG   1 
HETATM 182 C CD1  . DLE A 1 12 ? -3.334  3.266  -8.471  1.00 0.00 ? 12 DLE A CD1  1 
HETATM 183 C CD2  . DLE A 1 12 ? -4.423  4.276  -10.496 1.00 0.00 ? 12 DLE A CD2  1 
HETATM 184 C C    . DLE A 1 12 ? -6.735  0.279  -8.395  1.00 0.00 ? 12 DLE A C    1 
HETATM 185 O O    . DLE A 1 12 ? -7.643  0.353  -9.223  1.00 0.00 ? 12 DLE A O    1 
HETATM 186 H H    . DLE A 1 12 ? -7.048  3.110  -7.469  1.00 0.00 ? 12 DLE A H    1 
HETATM 187 H HA   . DLE A 1 12 ? -4.873  1.122  -7.749  1.00 0.00 ? 12 DLE A HA   1 
HETATM 188 H HB2  . DLE A 1 12 ? -5.022  1.667  -10.108 1.00 0.00 ? 12 DLE A HB2  1 
HETATM 189 H HB3  . DLE A 1 12 ? -6.477  2.625  -9.843  1.00 0.00 ? 12 DLE A HB3  1 
HETATM 190 H HG   . DLE A 1 12 ? -5.230  4.269  -8.519  1.00 0.00 ? 12 DLE A HG   1 
HETATM 191 H HD11 . DLE A 1 12 ? -2.771  2.538  -9.055  1.00 0.00 ? 12 DLE A HD11 1 
HETATM 192 H HD12 . DLE A 1 12 ? -2.743  4.178  -8.380  1.00 0.00 ? 12 DLE A HD12 1 
HETATM 193 H HD13 . DLE A 1 12 ? -3.498  2.874  -7.467  1.00 0.00 ? 12 DLE A HD13 1 
HETATM 194 H HD21 . DLE A 1 12 ? -5.373  4.531  -10.968 1.00 0.00 ? 12 DLE A HD21 1 
HETATM 195 H HD22 . DLE A 1 12 ? -3.858  5.194  -10.335 1.00 0.00 ? 12 DLE A HD22 1 
HETATM 196 H HD23 . DLE A 1 12 ? -3.859  3.622  -11.163 1.00 0.00 ? 12 DLE A HD23 1 
ATOM   197 N N    . TRP A 1 13 ? -6.487  -0.837 -7.696  1.00 0.00 ? 13 TRP A N    1 
ATOM   198 C CA   . TRP A 1 13 ? -7.212  -2.107 -7.823  1.00 0.00 ? 13 TRP A CA   1 
ATOM   199 C C    . TRP A 1 13 ? -7.382  -2.803 -6.458  1.00 0.00 ? 13 TRP A C    1 
ATOM   200 O O    . TRP A 1 13 ? -6.533  -2.677 -5.577  1.00 0.00 ? 13 TRP A O    1 
ATOM   201 C CB   . TRP A 1 13 ? -6.472  -3.028 -8.811  1.00 0.00 ? 13 TRP A CB   1 
ATOM   202 C CG   . TRP A 1 13 ? -6.235  -2.457 -10.181 1.00 0.00 ? 13 TRP A CG   1 
ATOM   203 C CD1  . TRP A 1 13 ? -7.060  -2.581 -11.246 1.00 0.00 ? 13 TRP A CD1  1 
ATOM   204 C CD2  . TRP A 1 13 ? -5.134  -1.611 -10.629 1.00 0.00 ? 13 TRP A CD2  1 
ATOM   205 N NE1  . TRP A 1 13 ? -6.548  -1.889 -12.325 1.00 0.00 ? 13 TRP A NE1  1 
ATOM   206 C CE2  . TRP A 1 13 ? -5.363  -1.262 -11.997 1.00 0.00 ? 13 TRP A CE2  1 
ATOM   207 C CE3  . TRP A 1 13 ? -3.972  -1.084 -10.012 1.00 0.00 ? 13 TRP A CE3  1 
ATOM   208 C CZ2  . TRP A 1 13 ? -4.480  -0.437 -12.719 1.00 0.00 ? 13 TRP A CZ2  1 
ATOM   209 C CZ3  . TRP A 1 13 ? -3.079  -0.257 -10.727 1.00 0.00 ? 13 TRP A CZ3  1 
ATOM   210 C CH2  . TRP A 1 13 ? -3.331  0.067  -12.078 1.00 0.00 ? 13 TRP A CH2  1 
ATOM   211 H H    . TRP A 1 13 ? -5.698  -0.825 -7.062  1.00 0.00 ? 13 TRP A H    1 
ATOM   212 H HA   . TRP A 1 13 ? -8.210  -1.911 -8.224  1.00 0.00 ? 13 TRP A HA   1 
ATOM   213 H HB2  . TRP A 1 13 ? -5.499  -3.286 -8.388  1.00 0.00 ? 13 TRP A HB2  1 
ATOM   214 H HB3  . TRP A 1 13 ? -7.036  -3.956 -8.918  1.00 0.00 ? 13 TRP A HB3  1 
ATOM   215 H HD1  . TRP A 1 13 ? -7.991  -3.130 -11.247 1.00 0.00 ? 13 TRP A HD1  1 
ATOM   216 H HE1  . TRP A 1 13 ? -6.973  -1.817 -13.237 1.00 0.00 ? 13 TRP A HE1  1 
ATOM   217 H HE3  . TRP A 1 13 ? -3.781  -1.313 -8.974  1.00 0.00 ? 13 TRP A HE3  1 
ATOM   218 H HZ2  . TRP A 1 13 ? -4.684  -0.192 -13.752 1.00 0.00 ? 13 TRP A HZ2  1 
ATOM   219 H HZ3  . TRP A 1 13 ? -2.206  0.145  -10.234 1.00 0.00 ? 13 TRP A HZ3  1 
ATOM   220 H HH2  . TRP A 1 13 ? -2.644  0.704  -12.618 1.00 0.00 ? 13 TRP A HH2  1 
HETATM 221 N N    . DLE A 1 14 ? -8.475  -3.562 -6.293  1.00 0.00 ? 14 DLE A N    1 
HETATM 222 C CA   . DLE A 1 14 ? -8.804  -4.324 -5.083  1.00 0.00 ? 14 DLE A CA   1 
HETATM 223 C CB   . DLE A 1 14 ? -8.642  -5.840 -5.328  1.00 0.00 ? 14 DLE A CB   1 
HETATM 224 C CG   . DLE A 1 14 ? -9.060  -6.406 -6.704  1.00 0.00 ? 14 DLE A CG   1 
HETATM 225 C CD1  . DLE A 1 14 ? -8.794  -7.920 -6.719  1.00 0.00 ? 14 DLE A CD1  1 
HETATM 226 C CD2  . DLE A 1 14 ? -10.531 -6.150 -7.060  1.00 0.00 ? 14 DLE A CD2  1 
HETATM 227 C C    . DLE A 1 14 ? -10.170 -3.899 -4.494  1.00 0.00 ? 14 DLE A C    1 
HETATM 228 O O    . DLE A 1 14 ? -11.229 -4.315 -4.957  1.00 0.00 ? 14 DLE A O    1 
HETATM 229 H H    . DLE A 1 14 ? -9.122  -3.621 -7.064  1.00 0.00 ? 14 DLE A H    1 
HETATM 230 H HA   . DLE A 1 14 ? -8.067  -4.109 -4.308  1.00 0.00 ? 14 DLE A HA   1 
HETATM 231 H HB2  . DLE A 1 14 ? -7.577  -6.064 -5.219  1.00 0.00 ? 14 DLE A HB2  1 
HETATM 232 H HB3  . DLE A 1 14 ? -9.159  -6.378 -4.536  1.00 0.00 ? 14 DLE A HB3  1 
HETATM 233 H HG   . DLE A 1 14 ? -8.437  -5.954 -7.479  1.00 0.00 ? 14 DLE A HG   1 
HETATM 234 H HD11 . DLE A 1 14 ? -9.406  -8.418 -5.967  1.00 0.00 ? 14 DLE A HD11 1 
HETATM 235 H HD12 . DLE A 1 14 ? -9.033  -8.333 -7.700  1.00 0.00 ? 14 DLE A HD12 1 
HETATM 236 H HD13 . DLE A 1 14 ? -7.742  -8.119 -6.507  1.00 0.00 ? 14 DLE A HD13 1 
HETATM 237 H HD21 . DLE A 1 14 ? -11.180 -6.513 -6.263  1.00 0.00 ? 14 DLE A HD21 1 
HETATM 238 H HD22 . DLE A 1 14 ? -10.701 -5.087 -7.221  1.00 0.00 ? 14 DLE A HD22 1 
HETATM 239 H HD23 . DLE A 1 14 ? -10.786 -6.668 -7.985  1.00 0.00 ? 14 DLE A HD23 1 
ATOM   240 N N    . TRP A 1 15 ? -10.141 -3.048 -3.462  1.00 0.00 ? 15 TRP A N    1 
ATOM   241 C CA   . TRP A 1 15 ? -11.308 -2.436 -2.812  1.00 0.00 ? 15 TRP A CA   1 
ATOM   242 C C    . TRP A 1 15 ? -11.013 -0.974 -2.401  1.00 0.00 ? 15 TRP A C    1 
ATOM   243 O O    . TRP A 1 15 ? -9.964  -0.419 -2.728  1.00 0.00 ? 15 TRP A O    1 
ATOM   244 C CB   . TRP A 1 15 ? -11.739 -3.304 -1.611  1.00 0.00 ? 15 TRP A CB   1 
ATOM   245 C CG   . TRP A 1 15 ? -12.121 -4.721 -1.932  1.00 0.00 ? 15 TRP A CG   1 
ATOM   246 C CD1  . TRP A 1 15 ? -13.364 -5.161 -2.235  1.00 0.00 ? 15 TRP A CD1  1 
ATOM   247 C CD2  . TRP A 1 15 ? -11.255 -5.889 -2.032  1.00 0.00 ? 15 TRP A CD2  1 
ATOM   248 N NE1  . TRP A 1 15 ? -13.336 -6.516 -2.498  1.00 0.00 ? 15 TRP A NE1  1 
ATOM   249 C CE2  . TRP A 1 15 ? -12.054 -7.017 -2.394  1.00 0.00 ? 15 TRP A CE2  1 
ATOM   250 C CE3  . TRP A 1 15 ? -9.864  -6.103 -1.875  1.00 0.00 ? 15 TRP A CE3  1 
ATOM   251 C CZ2  . TRP A 1 15 ? -11.504 -8.299 -2.577  1.00 0.00 ? 15 TRP A CZ2  1 
ATOM   252 C CZ3  . TRP A 1 15 ? -9.300  -7.387 -2.044  1.00 0.00 ? 15 TRP A CZ3  1 
ATOM   253 C CH2  . TRP A 1 15 ? -10.116 -8.483 -2.398  1.00 0.00 ? 15 TRP A CH2  1 
ATOM   254 H H    . TRP A 1 15 ? -9.227  -2.767 -3.133  1.00 0.00 ? 15 TRP A H    1 
ATOM   255 H HA   . TRP A 1 15 ? -12.135 -2.401 -3.524  1.00 0.00 ? 15 TRP A HA   1 
ATOM   256 H HB2  . TRP A 1 15 ? -10.921 -3.330 -0.888  1.00 0.00 ? 15 TRP A HB2  1 
ATOM   257 H HB3  . TRP A 1 15 ? -12.594 -2.843 -1.115  1.00 0.00 ? 15 TRP A HB3  1 
ATOM   258 H HD1  . TRP A 1 15 ? -14.249 -4.541 -2.272  1.00 0.00 ? 15 TRP A HD1  1 
ATOM   259 H HE1  . TRP A 1 15 ? -14.129 -7.085 -2.754  1.00 0.00 ? 15 TRP A HE1  1 
ATOM   260 H HE3  . TRP A 1 15 ? -9.234  -5.257 -1.654  1.00 0.00 ? 15 TRP A HE3  1 
ATOM   261 H HZ2  . TRP A 1 15 ? -12.135 -9.131 -2.855  1.00 0.00 ? 15 TRP A HZ2  1 
ATOM   262 H HZ3  . TRP A 1 15 ? -8.235  -7.524 -1.934  1.00 0.00 ? 15 TRP A HZ3  1 
ATOM   263 H HH2  . TRP A 1 15 ? -9.676  -9.460 -2.544  1.00 0.00 ? 15 TRP A HH2  1 
HETATM 264 C CA   . ETA A 1 16 ? -11.767 1.028  -1.181  1.00 0.00 ? 16 ETA A CA   1 
HETATM 265 N N    . ETA A 1 16 ? -11.938 -0.335 -1.674  1.00 0.00 ? 16 ETA A N    1 
HETATM 266 C C    . ETA A 1 16 ? -13.065 1.558  -0.558  1.00 0.00 ? 16 ETA A C    1 
HETATM 267 O O    . ETA A 1 16 ? -13.451 0.770  0.556   1.00 0.00 ? 16 ETA A O    1 
HETATM 268 H HA1  . ETA A 1 16 ? -10.977 1.043  -0.431  1.00 0.00 ? 16 ETA A HA1  1 
HETATM 269 H HA2  . ETA A 1 16 ? -11.472 1.679  -2.007  1.00 0.00 ? 16 ETA A HA2  1 
HETATM 270 H H    . ETA A 1 16 ? -12.780 -0.823 -1.416  1.00 0.00 ? 16 ETA A H    1 
HETATM 271 H HB1  . ETA A 1 16 ? -13.858 1.549  -1.306  1.00 0.00 ? 16 ETA A HB1  1 
HETATM 272 H HB2  . ETA A 1 16 ? -12.907 2.585  -0.227  1.00 0.00 ? 16 ETA A HB2  1 
HETATM 273 H HO   . ETA A 1 16 ? -14.284 1.105  0.898   1.00 0.00 ? 16 ETA A HO   1 
HETATM 274 C C    . FVA B 1 1  ? 0.932   3.850  -0.917  1.00 0.00 ? 1  FVA B C    1 
HETATM 275 N N    . FVA B 1 1  ? 1.629   2.496  -2.852  1.00 0.00 ? 1  FVA B N    1 
HETATM 276 O O    . FVA B 1 1  ? -0.260  4.074  -1.127  1.00 0.00 ? 1  FVA B O    1 
HETATM 277 C CA   . FVA B 1 1  ? 1.904   3.728  -2.107  1.00 0.00 ? 1  FVA B CA   1 
HETATM 278 C CB   . FVA B 1 1  ? 1.802   4.955  -3.045  1.00 0.00 ? 1  FVA B CB   1 
HETATM 279 C CG1  . FVA B 1 1  ? 2.155   6.250  -2.293  1.00 0.00 ? 1  FVA B CG1  1 
HETATM 280 C CG2  . FVA B 1 1  ? 2.730   4.829  -4.267  1.00 0.00 ? 1  FVA B CG2  1 
HETATM 281 H H    . FVA B 1 1  ? 0.666   2.313  -3.102  1.00 0.00 ? 1  FVA B H    1 
HETATM 282 H HA   . FVA B 1 1  ? 2.925   3.705  -1.729  1.00 0.00 ? 1  FVA B HA   1 
HETATM 283 H HB   . FVA B 1 1  ? 0.776   5.041  -3.412  1.00 0.00 ? 1  FVA B HB   1 
HETATM 284 H HG11 . FVA B 1 1  ? 1.459   6.422  -1.470  1.00 0.00 ? 1  FVA B HG11 1 
HETATM 285 H HG12 . FVA B 1 1  ? 3.169   6.190  -1.893  1.00 0.00 ? 1  FVA B HG12 1 
HETATM 286 H HG13 . FVA B 1 1  ? 2.094   7.104  -2.970  1.00 0.00 ? 1  FVA B HG13 1 
HETATM 287 O O1   . FVA B 1 1  ? 3.740   1.729  -3.011  1.00 0.00 ? 1  FVA B O1   1 
HETATM 288 H HG21 . FVA B 1 1  ? 2.434   3.983  -4.888  1.00 0.00 ? 1  FVA B HG21 1 
HETATM 289 C CN   . FVA B 1 1  ? 2.542   1.602  -3.253  1.00 0.00 ? 1  FVA B CN   1 
HETATM 290 H HG22 . FVA B 1 1  ? 2.669   5.731  -4.877  1.00 0.00 ? 1  FVA B HG22 1 
HETATM 291 H HG23 . FVA B 1 1  ? 3.762   4.690  -3.945  1.00 0.00 ? 1  FVA B HG23 1 
HETATM 292 H HN   . FVA B 1 1  ? 2.210   0.735  -3.820  1.00 0.00 ? 1  FVA B HN   1 
ATOM   293 N N    . GLY B 1 2  ? 1.427   3.730  0.325   1.00 0.00 ? 2  GLY B N    1 
ATOM   294 C CA   . GLY B 1 2  ? 0.649   3.933  1.554   1.00 0.00 ? 2  GLY B CA   1 
ATOM   295 C C    . GLY B 1 2  ? 1.030   2.974  2.690   1.00 0.00 ? 2  GLY B C    1 
ATOM   296 O O    . GLY B 1 2  ? 1.735   3.360  3.623   1.00 0.00 ? 2  GLY B O    1 
ATOM   297 H H    . GLY B 1 2  ? 2.426   3.583  0.412   1.00 0.00 ? 2  GLY B H    1 
ATOM   298 H HA2  . GLY B 1 2  ? 0.803   4.958  1.890   1.00 0.00 ? 2  GLY B HA2  1 
ATOM   299 H HA3  . GLY B 1 2  ? -0.415  3.801  1.368   1.00 0.00 ? 2  GLY B HA3  1 
ATOM   300 N N    . ALA B 1 3  ? 0.537   1.730  2.634   1.00 0.00 ? 3  ALA B N    1 
ATOM   301 C CA   . ALA B 1 3  ? 0.777   0.702  3.652   1.00 0.00 ? 3  ALA B CA   1 
ATOM   302 C C    . ALA B 1 3  ? 0.701   -0.734 3.097   1.00 0.00 ? 3  ALA B C    1 
ATOM   303 O O    . ALA B 1 3  ? 0.129   -0.985 2.037   1.00 0.00 ? 3  ALA B O    1 
ATOM   304 C CB   . ALA B 1 3  ? -0.186  0.898  4.833   1.00 0.00 ? 3  ALA B CB   1 
ATOM   305 H H    . ALA B 1 3  ? -0.051  1.485  1.847   1.00 0.00 ? 3  ALA B H    1 
ATOM   306 H HA   . ALA B 1 3  ? 1.791   0.844  4.024   1.00 0.00 ? 3  ALA B HA   1 
ATOM   307 H HB1  . ALA B 1 3  ? -1.219  0.879  4.490   1.00 0.00 ? 3  ALA B HB1  1 
ATOM   308 H HB2  . ALA B 1 3  ? -0.052  0.100  5.564   1.00 0.00 ? 3  ALA B HB2  1 
ATOM   309 H HB3  . ALA B 1 3  ? 0.010   1.851  5.326   1.00 0.00 ? 3  ALA B HB3  1 
HETATM 310 N N    . DLE B 1 4  ? 1.296   -1.678 3.838   1.00 0.00 ? 4  DLE B N    1 
HETATM 311 C CA   . DLE B 1 4  ? 1.463   -3.085 3.473   1.00 0.00 ? 4  DLE B CA   1 
HETATM 312 C CB   . DLE B 1 4  ? 1.142   -3.969 4.696   1.00 0.00 ? 4  DLE B CB   1 
HETATM 313 C CG   . DLE B 1 4  ? -0.361  -4.291 4.813   1.00 0.00 ? 4  DLE B CG   1 
HETATM 314 C CD1  . DLE B 1 4  ? -0.740  -5.479 3.912   1.00 0.00 ? 4  DLE B CD1  1 
HETATM 315 C CD2  . DLE B 1 4  ? -0.725  -4.626 6.267   1.00 0.00 ? 4  DLE B CD2  1 
HETATM 316 C C    . DLE B 1 4  ? 2.892   -3.293 2.939   1.00 0.00 ? 4  DLE B C    1 
HETATM 317 O O    . DLE B 1 4  ? 3.830   -3.453 3.716   1.00 0.00 ? 4  DLE B O    1 
HETATM 318 H H    . DLE B 1 4  ? 1.773   -1.372 4.679   1.00 0.00 ? 4  DLE B H    1 
HETATM 319 H HA   . DLE B 1 4  ? 0.768   -3.354 2.681   1.00 0.00 ? 4  DLE B HA   1 
HETATM 320 H HB2  . DLE B 1 4  ? 1.693   -4.910 4.642   1.00 0.00 ? 4  DLE B HB2  1 
HETATM 321 H HB3  . DLE B 1 4  ? 1.466   -3.444 5.595   1.00 0.00 ? 4  DLE B HB3  1 
HETATM 322 H HG   . DLE B 1 4  ? -0.944  -3.417 4.510   1.00 0.00 ? 4  DLE B HG   1 
HETATM 323 H HD11 . DLE B 1 4  ? -0.436  -5.300 2.881   1.00 0.00 ? 4  DLE B HD11 1 
HETATM 324 H HD12 . DLE B 1 4  ? -0.248  -6.387 4.262   1.00 0.00 ? 4  DLE B HD12 1 
HETATM 325 H HD13 . DLE B 1 4  ? -1.819  -5.632 3.935   1.00 0.00 ? 4  DLE B HD13 1 
HETATM 326 H HD21 . DLE B 1 4  ? -0.517  -3.770 6.910   1.00 0.00 ? 4  DLE B HD21 1 
HETATM 327 H HD22 . DLE B 1 4  ? -1.787  -4.865 6.341   1.00 0.00 ? 4  DLE B HD22 1 
HETATM 328 H HD23 . DLE B 1 4  ? -0.143  -5.480 6.614   1.00 0.00 ? 4  DLE B HD23 1 
ATOM   329 N N    . ALA B 1 5  ? 3.061   -3.253 1.612   1.00 0.00 ? 5  ALA B N    1 
ATOM   330 C CA   . ALA B 1 5  ? 4.354   -3.296 0.925   1.00 0.00 ? 5  ALA B CA   1 
ATOM   331 C C    . ALA B 1 5  ? 4.424   -2.257 -0.208  1.00 0.00 ? 5  ALA B C    1 
ATOM   332 O O    . ALA B 1 5  ? 3.452   -2.069 -0.938  1.00 0.00 ? 5  ALA B O    1 
ATOM   333 C CB   . ALA B 1 5  ? 4.602   -4.709 0.384   1.00 0.00 ? 5  ALA B CB   1 
ATOM   334 H H    . ALA B 1 5  ? 2.230   -3.172 1.037   1.00 0.00 ? 5  ALA B H    1 
ATOM   335 H HA   . ALA B 1 5  ? 5.142   -3.073 1.643   1.00 0.00 ? 5  ALA B HA   1 
ATOM   336 H HB1  . ALA B 1 5  ? 4.507   -5.445 1.182   1.00 0.00 ? 5  ALA B HB1  1 
ATOM   337 H HB2  . ALA B 1 5  ? 3.880   -4.946 -0.397  1.00 0.00 ? 5  ALA B HB2  1 
ATOM   338 H HB3  . ALA B 1 5  ? 5.608   -4.773 -0.032  1.00 0.00 ? 5  ALA B HB3  1 
HETATM 339 N N    . DVA B 1 6  ? 5.585   -1.609 -0.377  1.00 0.00 ? 6  DVA B N    1 
HETATM 340 C CA   . DVA B 1 6  ? 5.869   -0.664 -1.463  1.00 0.00 ? 6  DVA B CA   1 
HETATM 341 C CB   . DVA B 1 6  ? 6.757   -1.340 -2.533  1.00 0.00 ? 6  DVA B CB   1 
HETATM 342 C CG1  . DVA B 1 6  ? 6.127   -2.640 -3.065  1.00 0.00 ? 6  DVA B CG1  1 
HETATM 343 C CG2  . DVA B 1 6  ? 7.004   -0.392 -3.719  1.00 0.00 ? 6  DVA B CG2  1 
HETATM 344 C C    . DVA B 1 6  ? 6.532   0.604  -0.895  1.00 0.00 ? 6  DVA B C    1 
HETATM 345 O O    . DVA B 1 6  ? 7.601   0.518  -0.295  1.00 0.00 ? 6  DVA B O    1 
HETATM 346 H H    . DVA B 1 6  ? 6.329   -1.793 0.284   1.00 0.00 ? 6  DVA B H    1 
HETATM 347 H HA   . DVA B 1 6  ? 4.935   -0.380 -1.951  1.00 0.00 ? 6  DVA B HA   1 
HETATM 348 H HB   . DVA B 1 6  ? 7.721   -1.590 -2.087  1.00 0.00 ? 6  DVA B HB   1 
HETATM 349 H HG11 . DVA B 1 6  ? 5.141   -2.435 -3.483  1.00 0.00 ? 6  DVA B HG11 1 
HETATM 350 H HG12 . DVA B 1 6  ? 6.764   -3.070 -3.839  1.00 0.00 ? 6  DVA B HG12 1 
HETATM 351 H HG13 . DVA B 1 6  ? 6.027   -3.375 -2.267  1.00 0.00 ? 6  DVA B HG13 1 
HETATM 352 H HG21 . DVA B 1 6  ? 6.056   -0.043 -4.129  1.00 0.00 ? 6  DVA B HG21 1 
HETATM 353 H HG22 . DVA B 1 6  ? 7.594   0.467  -3.399  1.00 0.00 ? 6  DVA B HG22 1 
HETATM 354 H HG23 . DVA B 1 6  ? 7.557   -0.906 -4.505  1.00 0.00 ? 6  DVA B HG23 1 
ATOM   355 N N    . VAL B 1 7  ? 5.907   1.773  -1.089  1.00 0.00 ? 7  VAL B N    1 
ATOM   356 C CA   . VAL B 1 7  ? 6.366   3.083  -0.611  1.00 0.00 ? 7  VAL B CA   1 
ATOM   357 C C    . VAL B 1 7  ? 5.428   3.570  0.512   1.00 0.00 ? 7  VAL B C    1 
ATOM   358 O O    . VAL B 1 7  ? 4.308   3.996  0.237   1.00 0.00 ? 7  VAL B O    1 
ATOM   359 C CB   . VAL B 1 7  ? 6.433   4.079  -1.794  1.00 0.00 ? 7  VAL B CB   1 
ATOM   360 C CG1  . VAL B 1 7  ? 7.012   5.433  -1.352  1.00 0.00 ? 7  VAL B CG1  1 
ATOM   361 C CG2  . VAL B 1 7  ? 7.292   3.537  -2.950  1.00 0.00 ? 7  VAL B CG2  1 
ATOM   362 H H    . VAL B 1 7  ? 5.048   1.758  -1.625  1.00 0.00 ? 7  VAL B H    1 
ATOM   363 H HA   . VAL B 1 7  ? 7.381   3.006  -0.216  1.00 0.00 ? 7  VAL B HA   1 
ATOM   364 H HB   . VAL B 1 7  ? 5.426   4.249  -2.182  1.00 0.00 ? 7  VAL B HB   1 
ATOM   365 H HG11 . VAL B 1 7  ? 8.006   5.298  -0.922  1.00 0.00 ? 7  VAL B HG11 1 
ATOM   366 H HG12 . VAL B 1 7  ? 7.087   6.105  -2.208  1.00 0.00 ? 7  VAL B HG12 1 
ATOM   367 H HG13 . VAL B 1 7  ? 6.364   5.901  -0.615  1.00 0.00 ? 7  VAL B HG13 1 
ATOM   368 H HG21 . VAL B 1 7  ? 8.284   3.262  -2.589  1.00 0.00 ? 7  VAL B HG21 1 
ATOM   369 H HG22 . VAL B 1 7  ? 6.815   2.664  -3.395  1.00 0.00 ? 7  VAL B HG22 1 
ATOM   370 H HG23 . VAL B 1 7  ? 7.395   4.294  -3.730  1.00 0.00 ? 7  VAL B HG23 1 
HETATM 371 N N    . DVA B 1 8  ? 5.858   3.497  1.780   1.00 0.00 ? 8  DVA B N    1 
HETATM 372 C CA   . DVA B 1 8  ? 5.036   3.814  2.958   1.00 0.00 ? 8  DVA B CA   1 
HETATM 373 C CB   . DVA B 1 8  ? 5.226   5.288  3.391   1.00 0.00 ? 8  DVA B CB   1 
HETATM 374 C CG1  . DVA B 1 8  ? 4.808   6.277  2.289   1.00 0.00 ? 8  DVA B CG1  1 
HETATM 375 C CG2  . DVA B 1 8  ? 4.395   5.624  4.645   1.00 0.00 ? 8  DVA B CG2  1 
HETATM 376 C C    . DVA B 1 8  ? 5.340   2.847  4.119   1.00 0.00 ? 8  DVA B C    1 
HETATM 377 O O    . DVA B 1 8  ? 6.502   2.551  4.393   1.00 0.00 ? 8  DVA B O    1 
HETATM 378 H H    . DVA B 1 8  ? 6.788   3.130  1.945   1.00 0.00 ? 8  DVA B H    1 
HETATM 379 H HA   . DVA B 1 8  ? 3.989   3.681  2.688   1.00 0.00 ? 8  DVA B HA   1 
HETATM 380 H HB   . DVA B 1 8  ? 6.283   5.460  3.615   1.00 0.00 ? 8  DVA B HB   1 
HETATM 381 H HG11 . DVA B 1 8  ? 3.780   6.085  1.978   1.00 0.00 ? 8  DVA B HG11 1 
HETATM 382 H HG12 . DVA B 1 8  ? 4.879   7.302  2.653   1.00 0.00 ? 8  DVA B HG12 1 
HETATM 383 H HG13 . DVA B 1 8  ? 5.467   6.183  1.429   1.00 0.00 ? 8  DVA B HG13 1 
HETATM 384 H HG21 . DVA B 1 8  ? 4.712   5.026  5.500   1.00 0.00 ? 8  DVA B HG21 1 
HETATM 385 H HG22 . DVA B 1 8  ? 4.520   6.675  4.910   1.00 0.00 ? 8  DVA B HG22 1 
HETATM 386 H HG23 . DVA B 1 8  ? 3.338   5.436  4.456   1.00 0.00 ? 8  DVA B HG23 1 
ATOM   387 N N    . TRP B 1 9  ? 4.306   2.396  4.842   1.00 0.00 ? 9  TRP B N    1 
ATOM   388 C CA   . TRP B 1 9  ? 4.440   1.666  6.108   1.00 0.00 ? 9  TRP B CA   1 
ATOM   389 C C    . TRP B 1 9  ? 4.311   0.136  5.942   1.00 0.00 ? 9  TRP B C    1 
ATOM   390 O O    . TRP B 1 9  ? 3.270   -0.353 5.505   1.00 0.00 ? 9  TRP B O    1 
ATOM   391 C CB   . TRP B 1 9  ? 3.406   2.202  7.110   1.00 0.00 ? 9  TRP B CB   1 
ATOM   392 C CG   . TRP B 1 9  ? 3.449   1.529  8.451   1.00 0.00 ? 9  TRP B CG   1 
ATOM   393 C CD1  . TRP B 1 9  ? 4.332   1.796  9.438   1.00 0.00 ? 9  TRP B CD1  1 
ATOM   394 C CD2  . TRP B 1 9  ? 2.669   0.387  8.915   1.00 0.00 ? 9  TRP B CD2  1 
ATOM   395 N NE1  . TRP B 1 9  ? 4.157   0.912  10.483  1.00 0.00 ? 9  TRP B NE1  1 
ATOM   396 C CE2  . TRP B 1 9  ? 3.145   0.014  10.212  1.00 0.00 ? 9  TRP B CE2  1 
ATOM   397 C CE3  . TRP B 1 9  ? 1.632   -0.399 8.354   1.00 0.00 ? 9  TRP B CE3  1 
ATOM   398 C CZ2  . TRP B 1 9  ? 2.611   -1.079 10.920  1.00 0.00 ? 9  TRP B CZ2  1 
ATOM   399 C CZ3  . TRP B 1 9  ? 1.088   -1.496 9.055   1.00 0.00 ? 9  TRP B CZ3  1 
ATOM   400 C CH2  . TRP B 1 9  ? 1.575   -1.836 10.336  1.00 0.00 ? 9  TRP B CH2  1 
ATOM   401 H H    . TRP B 1 9  ? 3.375   2.673  4.555   1.00 0.00 ? 9  TRP B H    1 
ATOM   402 H HA   . TRP B 1 9  ? 5.415   1.889  6.547   1.00 0.00 ? 9  TRP B HA   1 
ATOM   403 H HB2  . TRP B 1 9  ? 3.569   3.273  7.254   1.00 0.00 ? 9  TRP B HB2  1 
ATOM   404 H HB3  . TRP B 1 9  ? 2.405   2.075  6.693   1.00 0.00 ? 9  TRP B HB3  1 
ATOM   405 H HD1  . TRP B 1 9  ? 5.101   2.553  9.393   1.00 0.00 ? 9  TRP B HD1  1 
ATOM   406 H HE1  . TRP B 1 9  ? 4.728   0.878  11.317  1.00 0.00 ? 9  TRP B HE1  1 
ATOM   407 H HE3  . TRP B 1 9  ? 1.265   -0.162 7.367   1.00 0.00 ? 9  TRP B HE3  1 
ATOM   408 H HZ2  . TRP B 1 9  ? 2.997   -1.339 11.895  1.00 0.00 ? 9  TRP B HZ2  1 
ATOM   409 H HZ3  . TRP B 1 9  ? 0.304   -2.081 8.597   1.00 0.00 ? 9  TRP B HZ3  1 
ATOM   410 H HH2  . TRP B 1 9  ? 1.157   -2.682 10.865  1.00 0.00 ? 9  TRP B HH2  1 
HETATM 411 N N    . DLE B 1 10 ? 5.335   -0.624 6.359   1.00 0.00 ? 10 DLE B N    1 
HETATM 412 C CA   . DLE B 1 10 ? 5.300   -2.088 6.440   1.00 0.00 ? 10 DLE B CA   1 
HETATM 413 C CB   . DLE B 1 10 ? 5.086   -2.511 7.909   1.00 0.00 ? 10 DLE B CB   1 
HETATM 414 C CG   . DLE B 1 10 ? 4.726   -3.997 8.094   1.00 0.00 ? 10 DLE B CG   1 
HETATM 415 C CD1  . DLE B 1 10 ? 4.683   -4.334 9.592   1.00 0.00 ? 10 DLE B CD1  1 
HETATM 416 C CD2  . DLE B 1 10 ? 3.372   -4.340 7.453   1.00 0.00 ? 10 DLE B CD2  1 
HETATM 417 C C    . DLE B 1 10 ? 6.561   -2.704 5.807   1.00 0.00 ? 10 DLE B C    1 
HETATM 418 O O    . DLE B 1 10 ? 7.536   -2.989 6.504   1.00 0.00 ? 10 DLE B O    1 
HETATM 419 H H    . DLE B 1 10 ? 6.176   -0.159 6.678   1.00 0.00 ? 10 DLE B H    1 
HETATM 420 H HA   . DLE B 1 10 ? 4.442   -2.451 5.881   1.00 0.00 ? 10 DLE B HA   1 
HETATM 421 H HB2  . DLE B 1 10 ? 5.993   -2.309 8.475   1.00 0.00 ? 10 DLE B HB2  1 
HETATM 422 H HB3  . DLE B 1 10 ? 4.286   -1.908 8.342   1.00 0.00 ? 10 DLE B HB3  1 
HETATM 423 H HG   . DLE B 1 10 ? 5.501   -4.613 7.635   1.00 0.00 ? 10 DLE B HG   1 
HETATM 424 H HD11 . DLE B 1 10 ? 3.913   -3.745 10.089  1.00 0.00 ? 10 DLE B HD11 1 
HETATM 425 H HD12 . DLE B 1 10 ? 4.464   -5.393 9.729   1.00 0.00 ? 10 DLE B HD12 1 
HETATM 426 H HD13 . DLE B 1 10 ? 5.648   -4.117 10.052  1.00 0.00 ? 10 DLE B HD13 1 
HETATM 427 H HD21 . DLE B 1 10 ? 2.612   -3.622 7.768   1.00 0.00 ? 10 DLE B HD21 1 
HETATM 428 H HD22 . DLE B 1 10 ? 3.456   -4.323 6.368   1.00 0.00 ? 10 DLE B HD22 1 
HETATM 429 H HD23 . DLE B 1 10 ? 3.053   -5.339 7.746   1.00 0.00 ? 10 DLE B HD23 1 
ATOM   430 N N    . TYR B 1 11 ? 6.534   -2.913 4.482   1.00 0.00 ? 11 TYR B N    1 
ATOM   431 C CA   . TYR B 1 11 ? 7.598   -3.549 3.695   1.00 0.00 ? 11 TYR B CA   1 
ATOM   432 C C    . TYR B 1 11 ? 8.030   -2.693 2.484   1.00 0.00 ? 11 TYR B C    1 
ATOM   433 O O    . TYR B 1 11 ? 7.288   -1.837 2.002   1.00 0.00 ? 11 TYR B O    1 
ATOM   434 C CB   . TYR B 1 11 ? 7.131   -4.945 3.238   1.00 0.00 ? 11 TYR B CB   1 
ATOM   435 C CG   . TYR B 1 11 ? 6.568   -5.835 4.337   1.00 0.00 ? 11 TYR B CG   1 
ATOM   436 C CD1  . TYR B 1 11 ? 7.386   -6.197 5.431   1.00 0.00 ? 11 TYR B CD1  1 
ATOM   437 C CD2  . TYR B 1 11 ? 5.210   -6.233 4.318   1.00 0.00 ? 11 TYR B CD2  1 
ATOM   438 C CE1  . TYR B 1 11 ? 6.848   -6.933 6.507   1.00 0.00 ? 11 TYR B CE1  1 
ATOM   439 C CE2  . TYR B 1 11 ? 4.672   -6.965 5.398   1.00 0.00 ? 11 TYR B CE2  1 
ATOM   440 C CZ   . TYR B 1 11 ? 5.487   -7.306 6.494   1.00 0.00 ? 11 TYR B CZ   1 
ATOM   441 O OH   . TYR B 1 11 ? 4.960   -7.993 7.545   1.00 0.00 ? 11 TYR B OH   1 
ATOM   442 H H    . TYR B 1 11 ? 5.672   -2.692 4.000   1.00 0.00 ? 11 TYR B H    1 
ATOM   443 H HA   . TYR B 1 11 ? 8.484   -3.680 4.322   1.00 0.00 ? 11 TYR B HA   1 
ATOM   444 H HB2  . TYR B 1 11 ? 6.378   -4.821 2.465   1.00 0.00 ? 11 TYR B HB2  1 
ATOM   445 H HB3  . TYR B 1 11 ? 7.971   -5.469 2.778   1.00 0.00 ? 11 TYR B HB3  1 
ATOM   446 H HD1  . TYR B 1 11 ? 8.421   -5.891 5.445   1.00 0.00 ? 11 TYR B HD1  1 
ATOM   447 H HD2  . TYR B 1 11 ? 4.574   -5.971 3.484   1.00 0.00 ? 11 TYR B HD2  1 
ATOM   448 H HE1  . TYR B 1 11 ? 7.476   -7.195 7.346   1.00 0.00 ? 11 TYR B HE1  1 
ATOM   449 H HE2  . TYR B 1 11 ? 3.632   -7.255 5.390   1.00 0.00 ? 11 TYR B HE2  1 
ATOM   450 H HH   . TYR B 1 11 ? 5.606   -8.157 8.232   1.00 0.00 ? 11 TYR B HH   1 
HETATM 451 N N    . DLE B 1 12 ? 9.236   -2.960 1.967   1.00 0.00 ? 12 DLE B N    1 
HETATM 452 C CA   . DLE B 1 12 ? 9.804   -2.324 0.777   1.00 0.00 ? 12 DLE B CA   1 
HETATM 453 C CB   . DLE B 1 12 ? 10.620  -3.370 -0.007  1.00 0.00 ? 12 DLE B CB   1 
HETATM 454 C CG   . DLE B 1 12 ? 9.833   -4.648 -0.374  1.00 0.00 ? 12 DLE B CG   1 
HETATM 455 C CD1  . DLE B 1 12 ? 8.556   -4.353 -1.176  1.00 0.00 ? 12 DLE B CD1  1 
HETATM 456 C CD2  . DLE B 1 12 ? 10.741  -5.592 -1.176  1.00 0.00 ? 12 DLE B CD2  1 
HETATM 457 C C    . DLE B 1 12 ? 10.646  -1.094 1.169   1.00 0.00 ? 12 DLE B C    1 
HETATM 458 O O    . DLE B 1 12 ? 11.827  -1.223 1.495   1.00 0.00 ? 12 DLE B O    1 
HETATM 459 H H    . DLE B 1 12 ? 9.787   -3.681 2.409   1.00 0.00 ? 12 DLE B H    1 
HETATM 460 H HA   . DLE B 1 12 ? 9.006   -1.982 0.115   1.00 0.00 ? 12 DLE B HA   1 
HETATM 461 H HB2  . DLE B 1 12 ? 10.993  -2.910 -0.923  1.00 0.00 ? 12 DLE B HB2  1 
HETATM 462 H HB3  . DLE B 1 12 ? 11.485  -3.668 0.590   1.00 0.00 ? 12 DLE B HB3  1 
HETATM 463 H HG   . DLE B 1 12 ? 9.546   -5.167 0.543   1.00 0.00 ? 12 DLE B HG   1 
HETATM 464 H HD11 . DLE B 1 12 ? 8.799   -3.793 -2.079  1.00 0.00 ? 12 DLE B HD11 1 
HETATM 465 H HD12 . DLE B 1 12 ? 8.070   -5.287 -1.461  1.00 0.00 ? 12 DLE B HD12 1 
HETATM 466 H HD13 . DLE B 1 12 ? 7.850   -3.780 -0.574  1.00 0.00 ? 12 DLE B HD13 1 
HETATM 467 H HD21 . DLE B 1 12 ? 11.632  -5.833 -0.594  1.00 0.00 ? 12 DLE B HD21 1 
HETATM 468 H HD22 . DLE B 1 12 ? 10.210  -6.517 -1.401  1.00 0.00 ? 12 DLE B HD22 1 
HETATM 469 H HD23 . DLE B 1 12 ? 11.044  -5.118 -2.110  1.00 0.00 ? 12 DLE B HD23 1 
ATOM   470 N N    . TRP B 1 13 ? 10.035  0.099  1.141   1.00 0.00 ? 13 TRP B N    1 
ATOM   471 C CA   . TRP B 1 13 ? 10.659  1.390  1.456   1.00 0.00 ? 13 TRP B CA   1 
ATOM   472 C C    . TRP B 1 13 ? 9.684   2.323  2.204   1.00 0.00 ? 13 TRP B C    1 
ATOM   473 O O    . TRP B 1 13 ? 8.475   2.273  1.990   1.00 0.00 ? 13 TRP B O    1 
ATOM   474 C CB   . TRP B 1 13 ? 11.156  2.053  0.159   1.00 0.00 ? 13 TRP B CB   1 
ATOM   475 C CG   . TRP B 1 13 ? 12.108  1.234  -0.667  1.00 0.00 ? 13 TRP B CG   1 
ATOM   476 C CD1  . TRP B 1 13 ? 13.456  1.250  -0.571  1.00 0.00 ? 13 TRP B CD1  1 
ATOM   477 C CD2  . TRP B 1 13 ? 11.793  0.225  -1.672  1.00 0.00 ? 13 TRP B CD2  1 
ATOM   478 N NE1  . TRP B 1 13 ? 14.004  0.336  -1.451  1.00 0.00 ? 13 TRP B NE1  1 
ATOM   479 C CE2  . TRP B 1 13 ? 13.021  -0.333 -2.149  1.00 0.00 ? 13 TRP B CE2  1 
ATOM   480 C CE3  . TRP B 1 13 ? 10.592  -0.294 -2.217  1.00 0.00 ? 13 TRP B CE3  1 
ATOM   481 C CZ2  . TRP B 1 13 ? 13.057  -1.348 -3.125  1.00 0.00 ? 13 TRP B CZ2  1 
ATOM   482 C CZ3  . TRP B 1 13 ? 10.615  -1.312 -3.196  1.00 0.00 ? 13 TRP B CZ3  1 
ATOM   483 C CH2  . TRP B 1 13 ? 11.843  -1.839 -3.649  1.00 0.00 ? 13 TRP B CH2  1 
ATOM   484 H H    . TRP B 1 13 ? 9.073   0.122  0.826   1.00 0.00 ? 13 TRP B H    1 
ATOM   485 H HA   . TRP B 1 13 ? 11.522  1.221  2.105   1.00 0.00 ? 13 TRP B HA   1 
ATOM   486 H HB2  . TRP B 1 13 ? 10.293  2.288  -0.468  1.00 0.00 ? 13 TRP B HB2  1 
ATOM   487 H HB3  . TRP B 1 13 ? 11.642  2.998  0.410   1.00 0.00 ? 13 TRP B HB3  1 
ATOM   488 H HD1  . TRP B 1 13 ? 14.022  1.875  0.106   1.00 0.00 ? 13 TRP B HD1  1 
ATOM   489 H HE1  . TRP B 1 13 ? 14.988  0.150  -1.569  1.00 0.00 ? 13 TRP B HE1  1 
ATOM   490 H HE3  . TRP B 1 13 ? 9.647   0.092  -1.863  1.00 0.00 ? 13 TRP B HE3  1 
ATOM   491 H HZ2  . TRP B 1 13 ? 14.001  -1.748 -3.461  1.00 0.00 ? 13 TRP B HZ2  1 
ATOM   492 H HZ3  . TRP B 1 13 ? 9.688   -1.703 -3.588  1.00 0.00 ? 13 TRP B HZ3  1 
ATOM   493 H HH2  . TRP B 1 13 ? 11.853  -2.621 -4.395  1.00 0.00 ? 13 TRP B HH2  1 
HETATM 494 N N    . DLE B 1 14 ? 10.221  3.199  3.066   1.00 0.00 ? 14 DLE B N    1 
HETATM 495 C CA   . DLE B 1 14 ? 9.471   4.186  3.851   1.00 0.00 ? 14 DLE B CA   1 
HETATM 496 C CB   . DLE B 1 14 ? 9.727   5.615  3.324   1.00 0.00 ? 14 DLE B CB   1 
HETATM 497 C CG   . DLE B 1 14 ? 11.151  5.971  2.842   1.00 0.00 ? 14 DLE B CG   1 
HETATM 498 C CD1  . DLE B 1 14 ? 11.157  7.428  2.352   1.00 0.00 ? 14 DLE B CD1  1 
HETATM 499 C CD2  . DLE B 1 14 ? 12.232  5.796  3.916   1.00 0.00 ? 14 DLE B CD2  1 
HETATM 500 C C    . DLE B 1 14 ? 9.695   3.998  5.370   1.00 0.00 ? 14 DLE B C    1 
HETATM 501 O O    . DLE B 1 14 ? 10.701  4.425  5.930   1.00 0.00 ? 14 DLE B O    1 
HETATM 502 H H    . DLE B 1 14 ? 11.222  3.183  3.182   1.00 0.00 ? 14 DLE B H    1 
HETATM 503 H HA   . DLE B 1 14 ? 8.402   4.040  3.689   1.00 0.00 ? 14 DLE B HA   1 
HETATM 504 H HB2  . DLE B 1 14 ? 9.071   5.753  2.461   1.00 0.00 ? 14 DLE B HB2  1 
HETATM 505 H HB3  . DLE B 1 14 ? 9.404   6.326  4.083   1.00 0.00 ? 14 DLE B HB3  1 
HETATM 506 H HG   . DLE B 1 14 ? 11.407  5.336  1.991   1.00 0.00 ? 14 DLE B HG   1 
HETATM 507 H HD11 . DLE B 1 14 ? 10.918  8.103  3.174   1.00 0.00 ? 14 DLE B HD11 1 
HETATM 508 H HD12 . DLE B 1 14 ? 12.142  7.687  1.957   1.00 0.00 ? 14 DLE B HD12 1 
HETATM 509 H HD13 . DLE B 1 14 ? 10.422  7.561  1.559   1.00 0.00 ? 14 DLE B HD13 1 
HETATM 510 H HD21 . DLE B 1 14 ? 11.963  6.351  4.815   1.00 0.00 ? 14 DLE B HD21 1 
HETATM 511 H HD22 . DLE B 1 14 ? 12.361  4.741  4.155   1.00 0.00 ? 14 DLE B HD22 1 
HETATM 512 H HD23 . DLE B 1 14 ? 13.188  6.169  3.547   1.00 0.00 ? 14 DLE B HD23 1 
ATOM   513 N N    . TRP B 1 15 ? 8.745   3.338  6.041   1.00 0.00 ? 15 TRP B N    1 
ATOM   514 C CA   . TRP B 1 15 ? 8.791   2.959  7.459   1.00 0.00 ? 15 TRP B CA   1 
ATOM   515 C C    . TRP B 1 15 ? 8.152   1.569  7.687   1.00 0.00 ? 15 TRP B C    1 
ATOM   516 O O    . TRP B 1 15 ? 7.793   0.871  6.740   1.00 0.00 ? 15 TRP B O    1 
ATOM   517 C CB   . TRP B 1 15 ? 8.114   4.057  8.306   1.00 0.00 ? 15 TRP B CB   1 
ATOM   518 C CG   . TRP B 1 15 ? 8.723   5.428  8.209   1.00 0.00 ? 15 TRP B CG   1 
ATOM   519 C CD1  . TRP B 1 15 ? 9.701   5.923  9.002   1.00 0.00 ? 15 TRP B CD1  1 
ATOM   520 C CD2  . TRP B 1 15 ? 8.438   6.475  7.235   1.00 0.00 ? 15 TRP B CD2  1 
ATOM   521 N NE1  . TRP B 1 15 ? 10.030  7.204  8.605   1.00 0.00 ? 15 TRP B NE1  1 
ATOM   522 C CE2  . TRP B 1 15 ? 9.284   7.594  7.511   1.00 0.00 ? 15 TRP B CE2  1 
ATOM   523 C CE3  . TRP B 1 15 ? 7.561   6.583  6.129   1.00 0.00 ? 15 TRP B CE3  1 
ATOM   524 C CZ2  . TRP B 1 15 ? 9.252   8.768  6.735   1.00 0.00 ? 15 TRP B CZ2  1 
ATOM   525 C CZ3  . TRP B 1 15 ? 7.510   7.760  5.350   1.00 0.00 ? 15 TRP B CZ3  1 
ATOM   526 C CH2  . TRP B 1 15 ? 8.356   8.849  5.649   1.00 0.00 ? 15 TRP B CH2  1 
ATOM   527 H H    . TRP B 1 15 ? 7.941   3.034  5.508   1.00 0.00 ? 15 TRP B H    1 
ATOM   528 H HA   . TRP B 1 15 ? 9.835   2.878  7.774   1.00 0.00 ? 15 TRP B HA   1 
ATOM   529 H HB2  . TRP B 1 15 ? 7.067   4.131  8.008   1.00 0.00 ? 15 TRP B HB2  1 
ATOM   530 H HB3  . TRP B 1 15 ? 8.132   3.772  9.359   1.00 0.00 ? 15 TRP B HB3  1 
ATOM   531 H HD1  . TRP B 1 15 ? 10.162  5.391  9.823   1.00 0.00 ? 15 TRP B HD1  1 
ATOM   532 H HE1  . TRP B 1 15 ? 10.733  7.792  9.028   1.00 0.00 ? 15 TRP B HE1  1 
ATOM   533 H HE3  . TRP B 1 15 ? 6.951   5.732  5.870   1.00 0.00 ? 15 TRP B HE3  1 
ATOM   534 H HZ2  . TRP B 1 15 ? 9.908   9.594  6.968   1.00 0.00 ? 15 TRP B HZ2  1 
ATOM   535 H HZ3  . TRP B 1 15 ? 6.844   7.813  4.501   1.00 0.00 ? 15 TRP B HZ3  1 
ATOM   536 H HH2  . TRP B 1 15 ? 8.325   9.741  5.038   1.00 0.00 ? 15 TRP B HH2  1 
HETATM 537 C CA   . ETA B 1 16 ? 7.369   -0.112 9.306   1.00 0.00 ? 16 ETA B CA   1 
HETATM 538 N N    . ETA B 1 16 ? 7.999   1.154  8.950   1.00 0.00 ? 16 ETA B N    1 
HETATM 539 C C    . ETA B 1 16 ? 7.517   -0.403 10.805  1.00 0.00 ? 16 ETA B C    1 
HETATM 540 O O    . ETA B 1 16 ? 6.881   0.597  11.581  1.00 0.00 ? 16 ETA B O    1 
HETATM 541 H HA1  . ETA B 1 16 ? 6.310   -0.073 9.052   1.00 0.00 ? 16 ETA B HA1  1 
HETATM 542 H HA2  . ETA B 1 16 ? 7.830   -0.921 8.735   1.00 0.00 ? 16 ETA B HA2  1 
HETATM 543 H H    . ETA B 1 16 ? 8.295   1.757  9.702   1.00 0.00 ? 16 ETA B H    1 
HETATM 544 H HB1  . ETA B 1 16 ? 8.576   -0.450 11.063  1.00 0.00 ? 16 ETA B HB1  1 
HETATM 545 H HB2  . ETA B 1 16 ? 7.059   -1.369 11.027  1.00 0.00 ? 16 ETA B HB2  1 
HETATM 546 H HO   . ETA B 1 16 ? 7.025   0.405  12.512  1.00 0.00 ? 16 ETA B HO   1 
# 
